data_5U3Y
#
_entry.id   5U3Y
#
_cell.length_a   39.440
_cell.length_b   94.940
_cell.length_c   96.010
_cell.angle_alpha   90.00
_cell.angle_beta   97.53
_cell.angle_gamma   90.00
#
_symmetry.space_group_name_H-M   'P 1 21 1'
#
loop_
_entity.id
_entity.type
_entity.pdbx_description
1 polymer 'Peroxisome proliferator-activated receptor delta'
2 non-polymer 'heptyl beta-D-glucopyranoside'
3 non-polymer '6-[2-({cyclopropyl[4-(furan-2-yl)benzene-1-carbonyl]amino}methyl)phenoxy]hexanoic acid'
4 non-polymer S-1,2-PROPANEDIOL
5 non-polymer DI(HYDROXYETHYL)ETHER
6 water water
#
_entity_poly.entity_id   1
_entity_poly.type   'polypeptide(L)'
_entity_poly.pdbx_seq_one_letter_code
;PQVADLKAFSKHIYNAYLKNFNMTKKKARSILTGKASHTAPFVIHDIETLWQAEKGLVWKQLVNGLPPYKEISVHVFYRC
QCTTVETVRELTEFAKSIPSFSSLFLNDQVTLLKYGVHEAIFAMLASIVNKDGLLVANGSGFVTREFLRSLRKPFSDIIE
PKFEFAVKFNALELDDSDLALFIAAIILCGDRPGLMNVPRVEAIQDTILRALEFHLQANHPDAQYLFPKLLQKMADLRQL
VTEHAQMMQRIKKTETETSLHPLLQEIYKDMY
;
_entity_poly.pdbx_strand_id   A,B
#
loop_
_chem_comp.id
_chem_comp.type
_chem_comp.name
_chem_comp.formula
7U7 non-polymer '6-[2-({cyclopropyl[4-(furan-2-yl)benzene-1-carbonyl]amino}methyl)phenoxy]hexanoic acid' 'C27 H29 N O5'
B7G D-saccharide 'heptyl beta-D-glucopyranoside' 'C13 H26 O6'
PEG non-polymer DI(HYDROXYETHYL)ETHER 'C4 H10 O3'
PGO non-polymer S-1,2-PROPANEDIOL 'C3 H8 O2'
#
# COMPACT_ATOMS: atom_id res chain seq x y z
N GLN A 2 0.27 4.09 -32.83
CA GLN A 2 0.40 4.68 -31.50
C GLN A 2 1.87 4.81 -31.11
N VAL A 3 2.55 5.80 -31.70
CA VAL A 3 3.97 6.02 -31.45
C VAL A 3 4.12 7.20 -30.48
N ALA A 4 3.20 8.15 -30.55
CA ALA A 4 3.31 9.37 -29.75
C ALA A 4 2.83 9.19 -28.32
N ASP A 5 2.07 8.12 -28.04
CA ASP A 5 1.61 7.88 -26.68
C ASP A 5 2.62 7.13 -25.83
N LEU A 6 3.42 6.24 -26.43
CA LEU A 6 4.52 5.64 -25.70
C LEU A 6 5.54 6.70 -25.28
N LYS A 7 5.78 7.70 -26.13
CA LYS A 7 6.64 8.79 -25.74
C LYS A 7 6.09 9.53 -24.52
N ALA A 8 4.78 9.81 -24.53
CA ALA A 8 4.17 10.45 -23.37
C ALA A 8 4.14 9.51 -22.18
N PHE A 9 3.90 8.23 -22.41
CA PHE A 9 3.98 7.23 -21.34
C PHE A 9 5.39 7.18 -20.78
N SER A 10 6.41 7.18 -21.66
CA SER A 10 7.79 7.22 -21.21
C SER A 10 8.09 8.53 -20.48
N LYS A 11 7.53 9.64 -20.98
CA LYS A 11 7.84 10.94 -20.39
C LYS A 11 7.30 11.05 -18.97
N HIS A 12 6.08 10.56 -18.73
CA HIS A 12 5.54 10.55 -17.38
C HIS A 12 6.45 9.77 -16.43
N ILE A 13 6.94 8.61 -16.88
CA ILE A 13 7.77 7.77 -16.02
C ILE A 13 9.10 8.48 -15.72
N TYR A 14 9.72 9.08 -16.73
CA TYR A 14 10.97 9.81 -16.49
C TYR A 14 10.75 10.94 -15.51
N ASN A 15 9.64 11.68 -15.63
CA ASN A 15 9.36 12.76 -14.71
C ASN A 15 9.15 12.22 -13.29
N ALA A 16 8.46 11.09 -13.16
CA ALA A 16 8.33 10.45 -11.86
C ALA A 16 9.69 10.08 -11.28
N TYR A 17 10.63 9.72 -12.14
CA TYR A 17 11.98 9.36 -11.72
C TYR A 17 12.74 10.59 -11.24
N LEU A 18 12.78 11.64 -12.08
CA LEU A 18 13.46 12.88 -11.69
C LEU A 18 12.83 13.49 -10.45
N LYS A 19 11.53 13.25 -10.24
CA LYS A 19 10.80 13.87 -9.15
C LYS A 19 11.09 13.22 -7.80
N ASN A 20 11.44 11.94 -7.79
CA ASN A 20 11.43 11.16 -6.55
C ASN A 20 12.78 10.63 -6.08
N PHE A 21 13.78 10.50 -6.96
CA PHE A 21 15.05 9.93 -6.55
C PHE A 21 16.04 11.02 -6.19
N ASN A 22 16.68 10.86 -5.03
CA ASN A 22 17.61 11.88 -4.54
C ASN A 22 18.84 12.00 -5.43
N MET A 23 19.30 10.88 -5.98
CA MET A 23 20.53 10.81 -6.76
C MET A 23 20.21 10.26 -8.13
N THR A 24 20.56 11.01 -9.17
CA THR A 24 20.50 10.50 -10.54
C THR A 24 21.87 9.97 -10.95
N LYS A 25 21.86 9.11 -11.98
CA LYS A 25 23.13 8.65 -12.53
C LYS A 25 23.93 9.82 -13.09
N LYS A 26 23.25 10.78 -13.70
CA LYS A 26 23.93 11.98 -14.19
C LYS A 26 24.75 12.63 -13.09
N LYS A 27 24.09 12.95 -11.97
CA LYS A 27 24.82 13.57 -10.86
C LYS A 27 25.87 12.63 -10.30
N ALA A 28 25.55 11.34 -10.21
CA ALA A 28 26.51 10.36 -9.70
C ALA A 28 27.78 10.34 -10.55
N ARG A 29 27.62 10.28 -11.86
CA ARG A 29 28.80 10.18 -12.72
C ARG A 29 29.63 11.46 -12.72
N SER A 30 28.99 12.62 -12.60
CA SER A 30 29.76 13.86 -12.51
C SER A 30 30.64 13.85 -11.27
N ILE A 31 30.10 13.38 -10.14
CA ILE A 31 30.89 13.31 -8.91
C ILE A 31 32.03 12.31 -9.08
N LEU A 32 31.71 11.09 -9.52
CA LEU A 32 32.72 10.05 -9.63
C LEU A 32 33.83 10.41 -10.60
N THR A 33 33.60 11.34 -11.53
CA THR A 33 34.62 11.75 -12.48
C THR A 33 35.25 13.09 -12.12
N GLY A 34 34.80 13.75 -11.06
CA GLY A 34 35.40 14.98 -10.62
C GLY A 34 34.90 16.23 -11.32
N LYS A 35 33.83 16.14 -12.10
CA LYS A 35 33.27 17.29 -12.79
C LYS A 35 32.07 17.88 -12.06
N ALA A 36 31.68 17.30 -10.92
CA ALA A 36 30.47 17.75 -10.24
C ALA A 36 30.67 19.10 -9.57
N SER A 37 31.74 19.25 -8.78
CA SER A 37 31.89 20.47 -8.00
C SER A 37 33.36 20.66 -7.64
N HIS A 38 33.61 21.80 -6.98
CA HIS A 38 34.93 22.11 -6.42
C HIS A 38 35.35 21.10 -5.36
N THR A 39 34.39 20.54 -4.62
CA THR A 39 34.67 19.63 -3.52
C THR A 39 34.49 18.19 -3.99
N ALA A 40 35.49 17.34 -3.71
CA ALA A 40 35.42 15.93 -4.04
C ALA A 40 34.97 15.12 -2.83
N PRO A 41 34.44 13.91 -3.05
CA PRO A 41 33.99 13.10 -1.92
C PRO A 41 35.16 12.64 -1.05
N PHE A 42 34.87 12.52 0.25
CA PHE A 42 35.86 12.05 1.21
C PHE A 42 35.96 10.54 1.14
N VAL A 43 37.18 10.03 0.98
CA VAL A 43 37.40 8.62 0.71
C VAL A 43 37.47 7.86 2.03
N ILE A 44 36.55 6.91 2.19
CA ILE A 44 36.52 6.00 3.33
C ILE A 44 37.18 4.70 2.89
N HIS A 45 38.37 4.41 3.43
CA HIS A 45 39.09 3.20 3.04
C HIS A 45 39.62 2.40 4.21
N ASP A 46 39.39 2.82 5.45
CA ASP A 46 39.80 2.05 6.61
C ASP A 46 39.04 2.55 7.83
N ILE A 47 39.39 2.03 9.00
CA ILE A 47 38.66 2.37 10.23
C ILE A 47 38.79 3.85 10.53
N GLU A 48 40.01 4.39 10.42
CA GLU A 48 40.23 5.79 10.77
C GLU A 48 39.38 6.72 9.91
N THR A 49 39.38 6.51 8.60
CA THR A 49 38.61 7.39 7.73
C THR A 49 37.11 7.18 7.91
N LEU A 50 36.68 5.95 8.22
CA LEU A 50 35.29 5.74 8.58
C LEU A 50 34.91 6.56 9.80
N TRP A 51 35.77 6.54 10.83
CA TRP A 51 35.50 7.32 12.03
C TRP A 51 35.44 8.81 11.70
N GLN A 52 36.44 9.31 10.97
CA GLN A 52 36.43 10.71 10.57
C GLN A 52 35.19 11.07 9.77
N ALA A 53 34.70 10.14 8.94
CA ALA A 53 33.49 10.40 8.17
C ALA A 53 32.27 10.48 9.07
N GLU A 54 32.15 9.54 10.02
CA GLU A 54 31.06 9.61 10.99
C GLU A 54 31.17 10.84 11.87
N LYS A 55 32.38 11.37 12.05
CA LYS A 55 32.58 12.44 13.00
C LYS A 55 32.11 13.79 12.47
N GLY A 56 31.94 13.93 11.16
CA GLY A 56 31.40 15.17 10.60
C GLY A 56 31.76 15.40 9.16
N LEU A 57 32.90 14.85 8.71
CA LEU A 57 33.33 15.05 7.34
C LEU A 57 32.38 14.45 6.33
N VAL A 58 31.40 13.65 6.76
CA VAL A 58 30.39 13.08 5.87
C VAL A 58 29.05 13.09 6.59
N TRP A 59 28.98 12.40 7.72
CA TRP A 59 27.76 12.32 8.51
C TRP A 59 27.86 13.20 9.76
N LEU A 66 20.91 5.45 14.56
CA LEU A 66 21.21 4.04 14.33
C LEU A 66 21.04 3.24 15.61
N PRO A 67 20.98 1.92 15.49
CA PRO A 67 20.91 1.07 16.69
C PRO A 67 22.16 1.19 17.52
N PRO A 68 22.18 0.59 18.71
CA PRO A 68 23.40 0.65 19.53
C PRO A 68 24.60 0.06 18.80
N TYR A 69 25.74 0.72 18.97
CA TYR A 69 26.96 0.28 18.29
C TYR A 69 27.33 -1.14 18.72
N LYS A 70 27.88 -1.89 17.77
CA LYS A 70 28.29 -3.27 18.02
C LYS A 70 29.73 -3.48 17.57
N GLU A 71 29.99 -3.28 16.28
CA GLU A 71 31.33 -3.40 15.71
C GLU A 71 31.29 -2.73 14.34
N ILE A 72 32.47 -2.62 13.72
N ILE A 72 32.47 -2.64 13.73
CA ILE A 72 32.57 -1.88 12.48
CA ILE A 72 32.61 -1.89 12.48
C ILE A 72 31.77 -2.55 11.38
C ILE A 72 31.80 -2.54 11.37
N SER A 73 31.94 -3.86 11.21
CA SER A 73 31.24 -4.56 10.13
C SER A 73 29.73 -4.42 10.28
N VAL A 74 29.23 -4.56 11.51
CA VAL A 74 27.80 -4.40 11.76
C VAL A 74 27.39 -2.94 11.56
N HIS A 75 28.25 -2.01 11.95
CA HIS A 75 27.94 -0.60 11.74
C HIS A 75 27.78 -0.29 10.26
N VAL A 76 28.70 -0.78 9.43
CA VAL A 76 28.56 -0.59 7.98
C VAL A 76 27.28 -1.23 7.49
N PHE A 77 26.97 -2.43 7.99
CA PHE A 77 25.73 -3.10 7.63
C PHE A 77 24.51 -2.24 7.96
N TYR A 78 24.51 -1.66 9.16
CA TYR A 78 23.43 -0.74 9.53
C TYR A 78 23.33 0.42 8.55
N ARG A 79 24.47 0.97 8.12
CA ARG A 79 24.47 2.03 7.12
C ARG A 79 23.87 1.54 5.81
N CYS A 80 24.18 0.30 5.42
CA CYS A 80 23.57 -0.28 4.23
C CYS A 80 22.05 -0.35 4.38
N GLN A 81 21.57 -0.76 5.55
CA GLN A 81 20.13 -0.83 5.78
C GLN A 81 19.49 0.55 5.69
N CYS A 82 20.14 1.57 6.26
CA CYS A 82 19.61 2.93 6.17
C CYS A 82 19.40 3.32 4.72
N THR A 83 20.35 2.98 3.85
CA THR A 83 20.25 3.39 2.45
C THR A 83 19.18 2.60 1.72
N THR A 84 19.04 1.29 2.00
CA THR A 84 18.02 0.51 1.31
C THR A 84 16.62 0.96 1.73
N VAL A 85 16.40 1.16 3.03
CA VAL A 85 15.08 1.61 3.50
C VAL A 85 14.72 2.94 2.83
N GLU A 86 15.67 3.86 2.78
CA GLU A 86 15.40 5.15 2.14
C GLU A 86 15.14 4.97 0.65
N THR A 87 15.82 4.03 0.00
CA THR A 87 15.56 3.80 -1.40
C THR A 87 14.21 3.12 -1.61
N VAL A 88 13.78 2.28 -0.67
CA VAL A 88 12.43 1.73 -0.73
C VAL A 88 11.40 2.86 -0.68
N ARG A 89 11.63 3.84 0.20
CA ARG A 89 10.74 5.01 0.26
C ARG A 89 10.67 5.72 -1.08
N GLU A 90 11.83 5.97 -1.70
CA GLU A 90 11.86 6.66 -2.98
C GLU A 90 11.17 5.83 -4.06
N LEU A 91 11.41 4.51 -4.07
CA LEU A 91 10.78 3.65 -5.06
C LEU A 91 9.27 3.61 -4.87
N THR A 92 8.81 3.64 -3.62
CA THR A 92 7.37 3.66 -3.37
C THR A 92 6.72 4.90 -3.97
N GLU A 93 7.34 6.07 -3.76
CA GLU A 93 6.78 7.29 -4.33
C GLU A 93 6.96 7.34 -5.84
N PHE A 94 8.07 6.79 -6.34
CA PHE A 94 8.24 6.65 -7.78
C PHE A 94 7.11 5.84 -8.39
N ALA A 95 6.85 4.65 -7.83
CA ALA A 95 5.77 3.80 -8.35
C ALA A 95 4.43 4.51 -8.24
N LYS A 96 4.17 5.20 -7.14
CA LYS A 96 2.89 5.88 -6.96
C LYS A 96 2.72 7.06 -7.90
N SER A 97 3.81 7.63 -8.41
CA SER A 97 3.75 8.68 -9.41
C SER A 97 3.53 8.13 -10.82
N ILE A 98 3.29 6.84 -10.96
CA ILE A 98 2.97 6.21 -12.23
C ILE A 98 1.47 5.91 -12.21
N PRO A 99 0.63 6.61 -13.00
CA PRO A 99 -0.81 6.41 -12.88
C PRO A 99 -1.26 4.95 -12.92
N SER A 100 -0.69 4.13 -13.82
CA SER A 100 -1.12 2.76 -13.94
C SER A 100 -0.80 1.94 -12.68
N PHE A 101 0.27 2.28 -11.97
CA PHE A 101 0.56 1.60 -10.71
C PHE A 101 -0.43 2.02 -9.63
N SER A 102 -0.69 3.32 -9.51
CA SER A 102 -1.61 3.82 -8.49
C SER A 102 -3.03 3.30 -8.71
N SER A 103 -3.39 2.95 -9.94
N SER A 103 -3.39 2.95 -9.94
CA SER A 103 -4.74 2.43 -10.20
CA SER A 103 -4.72 2.43 -10.21
C SER A 103 -4.92 1.01 -9.70
C SER A 103 -4.93 1.03 -9.64
N LEU A 104 -3.85 0.33 -9.30
CA LEU A 104 -3.97 -0.99 -8.70
C LEU A 104 -4.49 -0.88 -7.28
N PHE A 105 -5.11 -1.96 -6.81
CA PHE A 105 -5.51 -2.01 -5.41
C PHE A 105 -4.30 -1.98 -4.50
N LEU A 106 -4.46 -1.33 -3.36
CA LEU A 106 -3.31 -1.04 -2.50
C LEU A 106 -2.53 -2.30 -2.14
N ASN A 107 -3.23 -3.42 -1.95
CA ASN A 107 -2.54 -4.64 -1.59
C ASN A 107 -1.67 -5.16 -2.73
N ASP A 108 -2.09 -4.97 -3.98
CA ASP A 108 -1.22 -5.33 -5.10
C ASP A 108 -0.03 -4.39 -5.22
N GLN A 109 -0.22 -3.10 -4.89
CA GLN A 109 0.91 -2.19 -4.86
C GLN A 109 1.97 -2.67 -3.88
N VAL A 110 1.56 -3.12 -2.70
CA VAL A 110 2.51 -3.59 -1.70
C VAL A 110 3.22 -4.85 -2.17
N THR A 111 2.48 -5.76 -2.81
CA THR A 111 3.08 -7.00 -3.28
C THR A 111 4.18 -6.72 -4.29
N LEU A 112 3.93 -5.80 -5.23
CA LEU A 112 4.94 -5.48 -6.24
C LEU A 112 6.17 -4.85 -5.60
N LEU A 113 5.99 -3.91 -4.68
CA LEU A 113 7.13 -3.29 -4.01
C LEU A 113 7.85 -4.32 -3.15
N LYS A 114 7.10 -5.15 -2.41
CA LYS A 114 7.73 -6.15 -1.56
C LYS A 114 8.71 -7.02 -2.33
N TYR A 115 8.33 -7.47 -3.53
CA TYR A 115 9.16 -8.41 -4.28
C TYR A 115 9.99 -7.73 -5.35
N GLY A 116 9.84 -6.43 -5.56
CA GLY A 116 10.55 -5.74 -6.62
C GLY A 116 11.61 -4.74 -6.19
N VAL A 117 11.54 -4.22 -4.96
CA VAL A 117 12.38 -3.09 -4.59
C VAL A 117 13.86 -3.48 -4.59
N HIS A 118 14.21 -4.67 -4.11
CA HIS A 118 15.62 -5.04 -4.06
C HIS A 118 16.20 -5.19 -5.45
N GLU A 119 15.44 -5.80 -6.37
CA GLU A 119 15.88 -5.83 -7.76
C GLU A 119 16.12 -4.43 -8.30
N ALA A 120 15.23 -3.49 -7.98
CA ALA A 120 15.41 -2.12 -8.43
C ALA A 120 16.62 -1.48 -7.74
N ILE A 121 16.76 -1.70 -6.44
CA ILE A 121 17.86 -1.09 -5.69
C ILE A 121 19.21 -1.49 -6.30
N PHE A 122 19.39 -2.78 -6.57
CA PHE A 122 20.68 -3.23 -7.06
C PHE A 122 20.92 -2.83 -8.51
N ALA A 123 19.85 -2.56 -9.26
CA ALA A 123 20.02 -1.97 -10.58
C ALA A 123 20.47 -0.52 -10.48
N MET A 124 19.77 0.26 -9.64
CA MET A 124 20.13 1.66 -9.45
C MET A 124 21.49 1.80 -8.76
N LEU A 125 21.87 0.83 -7.94
CA LEU A 125 23.14 0.88 -7.25
C LEU A 125 24.30 1.06 -8.22
N ALA A 126 24.20 0.45 -9.40
CA ALA A 126 25.27 0.57 -10.39
C ALA A 126 25.58 2.02 -10.72
N SER A 127 24.58 2.90 -10.58
CA SER A 127 24.76 4.31 -10.94
C SER A 127 25.72 5.05 -10.01
N ILE A 128 25.93 4.56 -8.79
CA ILE A 128 26.84 5.19 -7.84
C ILE A 128 28.10 4.37 -7.63
N VAL A 129 28.32 3.34 -8.46
CA VAL A 129 29.41 2.39 -8.30
C VAL A 129 30.39 2.56 -9.45
N ASN A 130 31.69 2.47 -9.14
CA ASN A 130 32.71 2.15 -10.12
C ASN A 130 33.48 0.95 -9.59
N LYS A 131 34.48 0.50 -10.34
CA LYS A 131 35.19 -0.70 -9.94
C LYS A 131 35.95 -0.54 -8.63
N ASP A 132 36.10 0.69 -8.12
CA ASP A 132 36.90 0.94 -6.92
C ASP A 132 36.08 1.19 -5.67
N GLY A 133 34.78 1.44 -5.79
CA GLY A 133 33.95 1.73 -4.62
C GLY A 133 32.65 2.38 -5.06
N LEU A 134 31.98 2.99 -4.08
CA LEU A 134 30.70 3.63 -4.35
C LEU A 134 30.53 4.88 -3.50
N LEU A 135 29.64 5.76 -3.96
CA LEU A 135 29.31 6.99 -3.27
C LEU A 135 28.40 6.72 -2.08
N VAL A 136 28.55 7.53 -1.04
CA VAL A 136 27.67 7.49 0.12
C VAL A 136 27.33 8.93 0.53
N ALA A 137 26.29 9.06 1.33
CA ALA A 137 25.89 10.33 1.92
C ALA A 137 25.76 11.43 0.87
N ASN A 138 24.90 11.17 -0.12
CA ASN A 138 24.56 12.15 -1.14
C ASN A 138 25.79 12.58 -1.93
N GLY A 139 26.76 11.67 -2.07
CA GLY A 139 27.95 11.96 -2.82
C GLY A 139 29.05 12.66 -2.05
N SER A 140 28.84 12.96 -0.76
CA SER A 140 29.86 13.58 0.05
CA SER A 140 29.88 13.60 0.03
C SER A 140 30.96 12.63 0.48
N GLY A 141 30.75 11.31 0.31
CA GLY A 141 31.76 10.34 0.66
C GLY A 141 31.85 9.27 -0.41
N PHE A 142 32.93 8.50 -0.33
CA PHE A 142 33.20 7.41 -1.27
C PHE A 142 33.85 6.28 -0.50
N VAL A 143 33.16 5.15 -0.41
CA VAL A 143 33.67 3.98 0.30
C VAL A 143 34.35 3.06 -0.70
N THR A 144 35.58 2.68 -0.40
CA THR A 144 36.33 1.85 -1.32
C THR A 144 35.83 0.41 -1.30
N ARG A 145 35.85 -0.23 -2.46
CA ARG A 145 35.49 -1.63 -2.57
C ARG A 145 36.43 -2.51 -1.75
N GLU A 146 37.72 -2.16 -1.71
CA GLU A 146 38.67 -2.93 -0.92
C GLU A 146 38.32 -2.89 0.56
N PHE A 147 37.90 -1.73 1.07
CA PHE A 147 37.52 -1.65 2.47
C PHE A 147 36.31 -2.52 2.76
N LEU A 148 35.33 -2.55 1.85
CA LEU A 148 34.16 -3.38 2.06
C LEU A 148 34.51 -4.86 1.97
N ARG A 149 35.46 -5.22 1.09
CA ARG A 149 35.94 -6.60 1.04
C ARG A 149 36.61 -7.00 2.35
N SER A 150 37.19 -6.04 3.06
CA SER A 150 37.93 -6.33 4.29
C SER A 150 37.03 -6.54 5.50
N LEU A 151 35.73 -6.27 5.38
CA LEU A 151 34.83 -6.57 6.47
C LEU A 151 34.75 -8.07 6.68
N ARG A 152 34.43 -8.48 7.90
CA ARG A 152 34.38 -9.91 8.19
C ARG A 152 33.14 -10.53 7.54
N LYS A 153 33.27 -11.79 7.17
CA LYS A 153 32.12 -12.54 6.70
C LYS A 153 31.10 -12.56 7.83
N PRO A 154 29.81 -12.58 7.51
CA PRO A 154 29.20 -12.65 6.18
C PRO A 154 28.98 -11.29 5.51
N PHE A 155 29.47 -10.21 6.12
CA PHE A 155 29.10 -8.88 5.65
C PHE A 155 29.84 -8.52 4.37
N SER A 156 31.09 -8.96 4.22
CA SER A 156 31.79 -8.75 2.97
C SER A 156 31.20 -9.61 1.85
N ASP A 157 30.71 -10.80 2.19
CA ASP A 157 30.15 -11.70 1.18
C ASP A 157 28.87 -11.14 0.56
N ILE A 158 28.07 -10.39 1.32
CA ILE A 158 26.81 -9.88 0.79
C ILE A 158 27.01 -8.61 -0.04
N ILE A 159 28.20 -8.04 -0.04
CA ILE A 159 28.49 -6.80 -0.75
C ILE A 159 29.13 -7.06 -2.11
N GLU A 160 30.16 -7.91 -2.14
CA GLU A 160 30.96 -8.05 -3.35
C GLU A 160 30.16 -8.44 -4.59
N PRO A 161 29.20 -9.37 -4.52
CA PRO A 161 28.45 -9.73 -5.74
C PRO A 161 27.73 -8.55 -6.38
N LYS A 162 27.37 -7.53 -5.61
CA LYS A 162 26.69 -6.38 -6.19
C LYS A 162 27.64 -5.51 -6.99
N PHE A 163 28.91 -5.43 -6.59
CA PHE A 163 29.90 -4.74 -7.40
C PHE A 163 30.10 -5.44 -8.74
N GLU A 164 30.17 -6.77 -8.71
CA GLU A 164 30.38 -7.53 -9.94
C GLU A 164 29.25 -7.28 -10.92
N PHE A 165 28.01 -7.34 -10.45
CA PHE A 165 26.87 -7.04 -11.32
C PHE A 165 26.95 -5.60 -11.81
N ALA A 166 27.30 -4.66 -10.93
CA ALA A 166 27.26 -3.25 -11.27
C ALA A 166 28.23 -2.90 -12.39
N VAL A 167 29.47 -3.39 -12.29
CA VAL A 167 30.48 -3.06 -13.29
C VAL A 167 30.03 -3.55 -14.67
N LYS A 168 29.46 -4.75 -14.73
CA LYS A 168 28.95 -5.25 -16.00
C LYS A 168 27.74 -4.45 -16.47
N PHE A 169 26.83 -4.11 -15.55
CA PHE A 169 25.65 -3.32 -15.92
C PHE A 169 26.07 -1.96 -16.47
N ASN A 170 27.04 -1.31 -15.83
CA ASN A 170 27.48 0.00 -16.28
C ASN A 170 28.11 -0.03 -17.67
N ALA A 171 28.56 -1.20 -18.14
CA ALA A 171 29.10 -1.30 -19.49
C ALA A 171 28.03 -1.07 -20.55
N LEU A 172 26.76 -1.22 -20.21
CA LEU A 172 25.68 -0.92 -21.14
C LEU A 172 25.46 0.58 -21.32
N GLU A 173 25.99 1.40 -20.42
CA GLU A 173 25.98 2.85 -20.56
C GLU A 173 24.57 3.42 -20.70
N LEU A 174 23.66 2.95 -19.85
CA LEU A 174 22.34 3.53 -19.77
C LEU A 174 22.39 4.92 -19.15
N ASP A 175 21.43 5.77 -19.51
CA ASP A 175 21.24 7.04 -18.86
C ASP A 175 19.97 6.99 -18.01
N ASP A 176 19.63 8.12 -17.39
CA ASP A 176 18.53 8.14 -16.44
C ASP A 176 17.19 7.91 -17.12
N SER A 177 17.02 8.35 -18.37
CA SER A 177 15.77 8.09 -19.07
C SER A 177 15.62 6.60 -19.39
N ASP A 178 16.72 5.90 -19.67
CA ASP A 178 16.66 4.45 -19.83
C ASP A 178 16.29 3.77 -18.52
N LEU A 179 16.98 4.16 -17.44
CA LEU A 179 16.79 3.49 -16.15
C LEU A 179 15.38 3.69 -15.61
N ALA A 180 14.79 4.87 -15.84
CA ALA A 180 13.43 5.10 -15.38
C ALA A 180 12.49 4.03 -15.89
N LEU A 181 12.56 3.73 -17.20
CA LEU A 181 11.72 2.68 -17.77
C LEU A 181 12.14 1.31 -17.27
N PHE A 182 13.45 1.06 -17.19
CA PHE A 182 13.94 -0.24 -16.73
C PHE A 182 13.45 -0.54 -15.32
N ILE A 183 13.56 0.42 -14.42
CA ILE A 183 13.09 0.23 -13.04
C ILE A 183 11.59 0.03 -13.00
N ALA A 184 10.85 0.82 -13.78
CA ALA A 184 9.40 0.64 -13.84
C ALA A 184 9.04 -0.78 -14.23
N ALA A 185 9.78 -1.35 -15.19
CA ALA A 185 9.50 -2.72 -15.63
C ALA A 185 9.77 -3.73 -14.52
N ILE A 186 10.77 -3.47 -13.67
CA ILE A 186 11.07 -4.38 -12.56
C ILE A 186 9.93 -4.36 -11.54
N ILE A 187 9.44 -3.17 -11.20
N ILE A 187 9.44 -3.18 -11.20
CA ILE A 187 8.40 -3.07 -10.18
CA ILE A 187 8.40 -3.07 -10.18
C ILE A 187 7.09 -3.64 -10.69
C ILE A 187 7.09 -3.66 -10.70
N LEU A 188 6.72 -3.32 -11.93
CA LEU A 188 5.46 -3.80 -12.51
C LEU A 188 5.70 -5.14 -13.20
N CYS A 189 5.85 -6.15 -12.35
CA CYS A 189 6.18 -7.50 -12.78
C CYS A 189 5.05 -8.45 -12.39
N GLY A 190 4.53 -9.18 -13.36
CA GLY A 190 3.39 -10.04 -13.12
C GLY A 190 3.71 -11.36 -12.45
N ASP A 191 4.99 -11.67 -12.24
CA ASP A 191 5.38 -12.95 -11.67
C ASP A 191 5.39 -12.95 -10.14
N ARG A 192 5.19 -11.81 -9.50
CA ARG A 192 5.38 -11.73 -8.05
C ARG A 192 4.36 -12.62 -7.33
N PRO A 193 4.76 -13.33 -6.29
CA PRO A 193 3.82 -14.23 -5.61
C PRO A 193 2.69 -13.47 -4.92
N GLY A 194 1.52 -14.09 -4.92
CA GLY A 194 0.38 -13.52 -4.23
C GLY A 194 -0.26 -12.34 -4.92
N LEU A 195 0.13 -12.04 -6.16
CA LEU A 195 -0.50 -10.95 -6.88
C LEU A 195 -1.98 -11.24 -7.09
N MET A 196 -2.81 -10.21 -6.91
CA MET A 196 -4.24 -10.37 -7.09
C MET A 196 -4.63 -10.23 -8.56
N ASN A 197 -4.38 -9.06 -9.15
CA ASN A 197 -4.78 -8.78 -10.53
C ASN A 197 -3.59 -9.01 -11.46
N VAL A 198 -3.28 -10.29 -11.68
CA VAL A 198 -2.14 -10.65 -12.53
C VAL A 198 -2.31 -10.12 -13.95
N PRO A 199 -3.44 -10.32 -14.63
CA PRO A 199 -3.54 -9.84 -16.02
C PRO A 199 -3.32 -8.34 -16.15
N ARG A 200 -3.80 -7.56 -15.19
CA ARG A 200 -3.62 -6.10 -15.25
C ARG A 200 -2.15 -5.72 -15.12
N VAL A 201 -1.43 -6.34 -14.19
CA VAL A 201 0.00 -6.05 -14.02
C VAL A 201 0.76 -6.45 -15.26
N GLU A 202 0.50 -7.65 -15.77
CA GLU A 202 1.19 -8.12 -16.97
C GLU A 202 0.97 -7.18 -18.14
N ALA A 203 -0.26 -6.66 -18.29
CA ALA A 203 -0.53 -5.71 -19.36
C ALA A 203 0.26 -4.42 -19.17
N ILE A 204 0.33 -3.93 -17.93
CA ILE A 204 1.14 -2.75 -17.66
C ILE A 204 2.61 -3.04 -17.96
N GLN A 205 3.12 -4.14 -17.44
CA GLN A 205 4.50 -4.53 -17.72
C GLN A 205 4.78 -4.53 -19.21
N ASP A 206 3.90 -5.16 -19.99
CA ASP A 206 4.13 -5.24 -21.42
C ASP A 206 4.23 -3.86 -22.05
N THR A 207 3.33 -2.95 -21.67
CA THR A 207 3.40 -1.59 -22.20
C THR A 207 4.73 -0.93 -21.86
N ILE A 208 5.21 -1.13 -20.64
CA ILE A 208 6.49 -0.55 -20.25
C ILE A 208 7.61 -1.11 -21.10
N LEU A 209 7.59 -2.42 -21.35
CA LEU A 209 8.64 -3.05 -22.13
C LEU A 209 8.60 -2.61 -23.59
N ARG A 210 7.41 -2.36 -24.13
CA ARG A 210 7.31 -1.76 -25.46
C ARG A 210 7.88 -0.35 -25.46
N ALA A 211 7.53 0.43 -24.44
CA ALA A 211 8.06 1.79 -24.32
C ALA A 211 9.58 1.77 -24.17
N LEU A 212 10.09 0.79 -23.44
CA LEU A 212 11.55 0.68 -23.28
C LEU A 212 12.21 0.42 -24.62
N GLU A 213 11.74 -0.59 -25.36
CA GLU A 213 12.32 -0.88 -26.67
C GLU A 213 12.26 0.35 -27.57
N PHE A 214 11.09 0.98 -27.66
CA PHE A 214 10.99 2.20 -28.46
C PHE A 214 11.97 3.26 -27.99
N HIS A 215 12.11 3.43 -26.68
CA HIS A 215 12.99 4.45 -26.14
C HIS A 215 14.45 4.16 -26.46
N LEU A 216 14.86 2.89 -26.36
CA LEU A 216 16.25 2.54 -26.64
C LEU A 216 16.58 2.70 -28.13
N GLN A 217 15.61 2.44 -29.01
CA GLN A 217 15.85 2.65 -30.44
C GLN A 217 16.12 4.13 -30.73
N ALA A 218 15.42 5.02 -30.03
CA ALA A 218 15.60 6.45 -30.24
C ALA A 218 16.85 6.97 -29.55
N ASN A 219 17.11 6.50 -28.34
CA ASN A 219 18.19 7.05 -27.51
C ASN A 219 19.53 6.40 -27.79
N HIS A 220 19.55 5.13 -28.20
CA HIS A 220 20.78 4.39 -28.49
C HIS A 220 20.67 3.76 -29.87
N PRO A 221 20.67 4.56 -30.93
CA PRO A 221 20.42 4.00 -32.27
C PRO A 221 21.50 3.03 -32.74
N ASP A 222 22.74 3.23 -32.31
CA ASP A 222 23.84 2.34 -32.70
C ASP A 222 24.02 1.17 -31.75
N ALA A 223 23.19 1.06 -30.71
CA ALA A 223 23.35 0.03 -29.70
C ALA A 223 22.57 -1.21 -30.14
N GLN A 224 23.29 -2.18 -30.70
CA GLN A 224 22.67 -3.42 -31.14
C GLN A 224 22.45 -4.36 -29.95
N TYR A 225 21.32 -5.07 -29.99
CA TYR A 225 20.99 -6.10 -29.00
C TYR A 225 20.78 -5.55 -27.60
N LEU A 226 20.60 -4.24 -27.45
CA LEU A 226 20.55 -3.66 -26.12
C LEU A 226 19.27 -4.04 -25.38
N PHE A 227 18.14 -4.13 -26.10
CA PHE A 227 16.89 -4.50 -25.44
C PHE A 227 16.92 -5.94 -24.94
N PRO A 228 17.27 -6.95 -25.75
CA PRO A 228 17.40 -8.29 -25.18
C PRO A 228 18.45 -8.39 -24.09
N LYS A 229 19.52 -7.61 -24.17
CA LYS A 229 20.50 -7.58 -23.10
C LYS A 229 19.87 -7.15 -21.78
N LEU A 230 19.00 -6.13 -21.83
CA LEU A 230 18.38 -5.65 -20.60
C LEU A 230 17.35 -6.65 -20.07
N LEU A 231 16.65 -7.35 -20.95
CA LEU A 231 15.77 -8.42 -20.47
C LEU A 231 16.58 -9.46 -19.71
N GLN A 232 17.78 -9.79 -20.20
CA GLN A 232 18.64 -10.74 -19.50
C GLN A 232 19.09 -10.17 -18.16
N LYS A 233 19.37 -8.86 -18.10
CA LYS A 233 19.77 -8.27 -16.82
C LYS A 233 18.63 -8.32 -15.81
N MET A 234 17.37 -8.21 -16.27
CA MET A 234 16.24 -8.38 -15.37
C MET A 234 16.22 -9.78 -14.78
N ALA A 235 16.52 -10.80 -15.59
CA ALA A 235 16.63 -12.15 -15.06
C ALA A 235 17.82 -12.26 -14.11
N ASP A 236 18.94 -11.62 -14.46
CA ASP A 236 20.12 -11.67 -13.60
C ASP A 236 19.83 -11.08 -12.23
N LEU A 237 19.08 -9.99 -12.18
CA LEU A 237 18.75 -9.36 -10.90
C LEU A 237 17.89 -10.28 -10.03
N ARG A 238 17.01 -11.07 -10.64
CA ARG A 238 16.24 -12.03 -9.87
C ARG A 238 17.16 -13.02 -9.17
N GLN A 239 18.19 -13.50 -9.87
CA GLN A 239 19.14 -14.41 -9.25
C GLN A 239 19.97 -13.70 -8.18
N LEU A 240 20.44 -12.49 -8.50
CA LEU A 240 21.19 -11.71 -7.52
C LEU A 240 20.39 -11.52 -6.24
N VAL A 241 19.11 -11.15 -6.38
CA VAL A 241 18.28 -10.92 -5.19
C VAL A 241 17.95 -12.23 -4.49
N THR A 242 17.80 -13.32 -5.24
CA THR A 242 17.63 -14.62 -4.61
C THR A 242 18.84 -14.95 -3.73
N GLU A 243 20.04 -14.80 -4.27
CA GLU A 243 21.25 -15.04 -3.50
C GLU A 243 21.35 -14.08 -2.33
N HIS A 244 20.93 -12.83 -2.52
CA HIS A 244 20.97 -11.85 -1.44
C HIS A 244 20.04 -12.25 -0.30
N ALA A 245 18.83 -12.72 -0.62
CA ALA A 245 17.91 -13.13 0.42
C ALA A 245 18.46 -14.33 1.19
N GLN A 246 19.12 -15.25 0.49
CA GLN A 246 19.73 -16.39 1.16
C GLN A 246 20.82 -15.94 2.13
N MET A 247 21.67 -15.00 1.70
CA MET A 247 22.69 -14.49 2.61
C MET A 247 22.07 -13.71 3.77
N MET A 248 20.93 -13.07 3.56
CA MET A 248 20.26 -12.38 4.65
C MET A 248 19.68 -13.39 5.65
N GLN A 249 19.15 -14.51 5.15
CA GLN A 249 18.72 -15.58 6.05
C GLN A 249 19.87 -16.04 6.93
N ARG A 250 21.07 -16.15 6.36
CA ARG A 250 22.22 -16.60 7.14
C ARG A 250 22.63 -15.56 8.19
N ILE A 251 22.50 -14.28 7.86
CA ILE A 251 22.79 -13.25 8.85
C ILE A 251 21.79 -13.32 10.00
N LYS A 252 20.51 -13.54 9.68
N LYS A 252 20.50 -13.49 9.68
CA LYS A 252 19.50 -13.65 10.73
CA LYS A 252 19.50 -13.67 10.74
C LYS A 252 19.73 -14.86 11.62
C LYS A 252 19.88 -14.82 11.66
N LYS A 253 20.35 -15.92 11.09
CA LYS A 253 20.60 -17.12 11.88
C LYS A 253 21.86 -16.99 12.72
N THR A 254 22.94 -16.44 12.16
CA THR A 254 24.25 -16.50 12.79
C THR A 254 24.69 -15.19 13.43
N GLU A 255 24.11 -14.05 13.06
CA GLU A 255 24.47 -12.77 13.63
C GLU A 255 23.34 -12.26 14.52
N THR A 256 23.06 -13.00 15.60
CA THR A 256 21.90 -12.71 16.44
C THR A 256 21.99 -11.34 17.11
N GLU A 257 23.17 -10.76 17.22
CA GLU A 257 23.33 -9.44 17.81
C GLU A 257 23.13 -8.31 16.80
N THR A 258 22.81 -8.63 15.56
CA THR A 258 22.64 -7.64 14.51
C THR A 258 21.15 -7.39 14.29
N SER A 259 20.75 -6.12 14.38
CA SER A 259 19.35 -5.75 14.22
C SER A 259 19.01 -5.57 12.76
N LEU A 260 17.76 -5.89 12.41
CA LEU A 260 17.22 -5.68 11.07
C LEU A 260 16.03 -4.73 11.16
N HIS A 261 16.07 -3.69 10.34
CA HIS A 261 15.00 -2.70 10.32
C HIS A 261 13.64 -3.38 10.14
N PRO A 262 12.59 -2.92 10.84
CA PRO A 262 11.29 -3.60 10.73
C PRO A 262 10.75 -3.73 9.31
N LEU A 263 10.88 -2.68 8.49
CA LEU A 263 10.38 -2.75 7.13
C LEU A 263 11.07 -3.86 6.34
N LEU A 264 12.40 -4.00 6.52
CA LEU A 264 13.12 -5.07 5.85
C LEU A 264 12.70 -6.43 6.38
N GLN A 265 12.40 -6.53 7.68
CA GLN A 265 11.88 -7.77 8.22
C GLN A 265 10.60 -8.19 7.50
N GLU A 266 9.71 -7.22 7.22
CA GLU A 266 8.48 -7.53 6.52
C GLU A 266 8.73 -7.98 5.08
N ILE A 267 9.76 -7.43 4.43
CA ILE A 267 10.09 -7.86 3.06
C ILE A 267 10.60 -9.29 3.07
N TYR A 268 11.45 -9.64 4.03
CA TYR A 268 12.01 -10.97 4.16
C TYR A 268 11.15 -11.89 5.04
N LYS A 269 9.86 -11.55 5.19
CA LYS A 269 9.00 -12.27 6.14
C LYS A 269 8.90 -13.75 5.78
N ASP A 270 8.84 -14.06 4.49
CA ASP A 270 8.67 -15.45 4.04
C ASP A 270 9.85 -16.31 4.51
N ALA B 4 -6.73 26.52 15.01
CA ALA B 4 -6.35 25.46 15.93
C ALA B 4 -5.59 24.34 15.21
N ASP B 5 -5.11 23.37 15.97
CA ASP B 5 -4.45 22.19 15.43
C ASP B 5 -5.30 20.94 15.52
N LEU B 6 -5.95 20.71 16.66
CA LEU B 6 -6.85 19.56 16.79
C LEU B 6 -8.16 19.79 16.05
N LYS B 7 -8.66 21.03 16.06
CA LYS B 7 -9.86 21.34 15.29
C LYS B 7 -9.57 21.28 13.80
N ALA B 8 -8.39 21.72 13.39
CA ALA B 8 -7.99 21.58 11.98
C ALA B 8 -7.73 20.13 11.63
N PHE B 9 -7.24 19.34 12.58
CA PHE B 9 -7.12 17.89 12.39
C PHE B 9 -8.49 17.28 12.11
N SER B 10 -9.48 17.61 12.93
CA SER B 10 -10.83 17.09 12.73
C SER B 10 -11.44 17.63 11.44
N LYS B 11 -11.31 18.94 11.20
CA LYS B 11 -11.93 19.54 10.03
C LYS B 11 -11.43 18.87 8.75
N HIS B 12 -10.13 18.57 8.69
CA HIS B 12 -9.59 17.90 7.51
C HIS B 12 -10.20 16.52 7.33
N ILE B 13 -10.40 15.78 8.43
CA ILE B 13 -10.99 14.46 8.35
C ILE B 13 -12.43 14.55 7.87
N TYR B 14 -13.17 15.54 8.33
CA TYR B 14 -14.56 15.71 7.89
C TYR B 14 -14.62 16.03 6.40
N ASN B 15 -13.64 16.77 5.87
CA ASN B 15 -13.61 17.06 4.45
C ASN B 15 -13.25 15.83 3.63
N ALA B 16 -12.29 15.04 4.11
CA ALA B 16 -11.98 13.77 3.47
C ALA B 16 -13.19 12.85 3.46
N TYR B 17 -14.06 12.97 4.46
CA TYR B 17 -15.28 12.16 4.51
C TYR B 17 -16.28 12.62 3.47
N LEU B 18 -16.47 13.92 3.33
CA LEU B 18 -17.40 14.45 2.33
C LEU B 18 -16.86 14.28 0.92
N LYS B 19 -15.54 14.34 0.76
CA LYS B 19 -14.94 14.28 -0.56
C LYS B 19 -14.93 12.87 -1.15
N ASN B 20 -14.99 11.84 -0.31
CA ASN B 20 -14.75 10.48 -0.77
C ASN B 20 -15.93 9.53 -0.63
N PHE B 21 -16.99 9.91 0.08
CA PHE B 21 -18.16 9.04 0.25
C PHE B 21 -19.33 9.62 -0.52
N ASN B 22 -19.88 8.81 -1.43
CA ASN B 22 -20.96 9.28 -2.30
C ASN B 22 -22.22 9.56 -1.49
N MET B 23 -22.62 8.62 -0.64
CA MET B 23 -23.84 8.73 0.13
C MET B 23 -23.49 9.14 1.56
N THR B 24 -23.93 10.32 1.96
CA THR B 24 -23.80 10.77 3.33
C THR B 24 -25.07 10.42 4.11
N LYS B 25 -24.95 10.41 5.44
CA LYS B 25 -26.12 10.14 6.26
C LYS B 25 -27.18 11.22 6.07
N LYS B 26 -26.76 12.47 5.87
CA LYS B 26 -27.72 13.54 5.59
C LYS B 26 -28.52 13.23 4.33
N LYS B 27 -27.83 12.90 3.24
CA LYS B 27 -28.52 12.53 2.00
C LYS B 27 -29.42 11.32 2.24
N ALA B 28 -28.88 10.29 2.91
CA ALA B 28 -29.65 9.07 3.12
C ALA B 28 -30.91 9.33 3.93
N ARG B 29 -30.83 10.18 4.95
CA ARG B 29 -31.98 10.41 5.82
C ARG B 29 -33.07 11.21 5.13
N SER B 30 -32.70 12.10 4.20
CA SER B 30 -33.71 12.82 3.43
C SER B 30 -34.49 11.86 2.55
N ILE B 31 -33.81 10.87 1.97
CA ILE B 31 -34.48 9.91 1.08
C ILE B 31 -35.40 9.00 1.89
N LEU B 32 -34.95 8.55 3.05
CA LEU B 32 -35.72 7.63 3.88
C LEU B 32 -36.86 8.32 4.63
N THR B 33 -37.20 9.56 4.28
CA THR B 33 -38.28 10.27 4.96
C THR B 33 -39.13 11.06 3.98
N ALA B 40 -39.07 9.16 -4.91
CA ALA B 40 -38.84 8.19 -3.82
C ALA B 40 -38.27 6.90 -4.39
N PRO B 41 -37.57 6.14 -3.55
CA PRO B 41 -36.90 4.93 -4.04
C PRO B 41 -37.88 3.81 -4.39
N PHE B 42 -37.54 3.07 -5.43
CA PHE B 42 -38.31 1.89 -5.82
C PHE B 42 -38.09 0.78 -4.80
N VAL B 43 -39.18 0.20 -4.32
CA VAL B 43 -39.12 -0.78 -3.24
C VAL B 43 -38.92 -2.16 -3.83
N ILE B 44 -37.92 -2.88 -3.31
CA ILE B 44 -37.65 -4.27 -3.67
C ILE B 44 -38.06 -5.11 -2.47
N HIS B 45 -39.16 -5.86 -2.60
CA HIS B 45 -39.64 -6.68 -1.52
C HIS B 45 -39.93 -8.12 -1.91
N ASP B 46 -39.78 -8.48 -3.19
CA ASP B 46 -39.99 -9.86 -3.62
C ASP B 46 -39.24 -10.08 -4.93
N ILE B 47 -39.34 -11.30 -5.45
CA ILE B 47 -38.58 -11.67 -6.65
C ILE B 47 -38.97 -10.78 -7.82
N GLU B 48 -40.27 -10.52 -7.99
CA GLU B 48 -40.73 -9.73 -9.13
C GLU B 48 -40.17 -8.31 -9.08
N THR B 49 -40.21 -7.68 -7.91
CA THR B 49 -39.71 -6.31 -7.82
C THR B 49 -38.19 -6.27 -7.95
N LEU B 50 -37.50 -7.30 -7.46
CA LEU B 50 -36.06 -7.40 -7.71
C LEU B 50 -35.78 -7.52 -9.20
N TRP B 51 -36.56 -8.32 -9.91
CA TRP B 51 -36.40 -8.41 -11.36
C TRP B 51 -36.61 -7.06 -12.02
N GLN B 52 -37.70 -6.37 -11.63
CA GLN B 52 -37.97 -5.05 -12.19
C GLN B 52 -36.84 -4.07 -11.91
N ALA B 53 -36.32 -4.08 -10.68
CA ALA B 53 -35.21 -3.19 -10.34
C ALA B 53 -34.01 -3.44 -11.26
N GLU B 54 -33.66 -4.71 -11.47
CA GLU B 54 -32.52 -5.03 -12.32
C GLU B 54 -32.77 -4.69 -13.78
N LYS B 55 -34.04 -4.60 -14.19
CA LYS B 55 -34.38 -4.35 -15.58
C LYS B 55 -34.26 -2.89 -15.97
N GLY B 56 -34.11 -1.97 -15.01
CA GLY B 56 -33.91 -0.57 -15.34
C GLY B 56 -34.45 0.39 -14.31
N LEU B 57 -35.37 -0.07 -13.47
CA LEU B 57 -35.95 0.81 -12.46
C LEU B 57 -34.98 1.20 -11.36
N VAL B 58 -33.82 0.55 -11.28
CA VAL B 58 -32.83 0.84 -10.24
C VAL B 58 -31.43 0.73 -10.83
N TRP B 59 -31.19 -0.33 -11.61
CA TRP B 59 -29.85 -0.59 -12.14
C TRP B 59 -29.82 -0.51 -13.66
N LEU B 66 -21.26 -8.41 -13.02
CA LEU B 66 -21.61 -9.47 -12.08
C LEU B 66 -21.21 -10.84 -12.63
N PRO B 67 -20.91 -11.80 -11.75
CA PRO B 67 -20.60 -13.15 -12.21
C PRO B 67 -21.83 -13.81 -12.82
N PRO B 68 -21.67 -14.97 -13.45
CA PRO B 68 -22.82 -15.65 -14.05
C PRO B 68 -23.91 -15.94 -13.02
N TYR B 69 -25.16 -15.83 -13.45
CA TYR B 69 -26.30 -15.99 -12.55
C TYR B 69 -26.36 -17.43 -12.02
N LYS B 70 -26.75 -17.56 -10.75
CA LYS B 70 -26.90 -18.86 -10.12
C LYS B 70 -28.29 -19.02 -9.51
N GLU B 71 -28.71 -18.04 -8.71
CA GLU B 71 -30.01 -18.08 -8.05
C GLU B 71 -30.23 -16.73 -7.38
N ILE B 72 -31.45 -16.54 -6.85
CA ILE B 72 -31.81 -15.27 -6.25
C ILE B 72 -30.89 -14.95 -5.07
N SER B 73 -30.80 -15.88 -4.11
CA SER B 73 -30.03 -15.62 -2.90
C SER B 73 -28.58 -15.28 -3.24
N VAL B 74 -27.99 -15.99 -4.20
CA VAL B 74 -26.60 -15.72 -4.57
C VAL B 74 -26.50 -14.40 -5.32
N HIS B 75 -27.50 -14.10 -6.16
CA HIS B 75 -27.50 -12.82 -6.86
C HIS B 75 -27.49 -11.64 -5.89
N VAL B 76 -28.32 -11.72 -4.85
CA VAL B 76 -28.32 -10.67 -3.83
C VAL B 76 -26.95 -10.60 -3.16
N PHE B 77 -26.38 -11.77 -2.87
CA PHE B 77 -25.05 -11.83 -2.27
C PHE B 77 -24.02 -11.15 -3.16
N TYR B 78 -24.11 -11.35 -4.48
CA TYR B 78 -23.21 -10.66 -5.39
C TYR B 78 -23.41 -9.15 -5.33
N ARG B 79 -24.66 -8.71 -5.22
CA ARG B 79 -24.93 -7.28 -5.06
C ARG B 79 -24.32 -6.76 -3.76
N CYS B 80 -24.42 -7.54 -2.68
CA CYS B 80 -23.78 -7.14 -1.43
C CYS B 80 -22.27 -7.00 -1.62
N GLN B 81 -21.66 -7.91 -2.38
CA GLN B 81 -20.22 -7.83 -2.61
C GLN B 81 -19.84 -6.59 -3.39
N CYS B 82 -20.63 -6.24 -4.41
CA CYS B 82 -20.33 -5.03 -5.18
C CYS B 82 -20.29 -3.80 -4.28
N THR B 83 -21.24 -3.68 -3.35
CA THR B 83 -21.28 -2.51 -2.50
C THR B 83 -20.10 -2.50 -1.52
N THR B 84 -19.76 -3.65 -0.95
CA THR B 84 -18.63 -3.68 -0.03
CA THR B 84 -18.62 -3.71 -0.03
C THR B 84 -17.33 -3.34 -0.74
N VAL B 85 -17.12 -3.89 -1.94
CA VAL B 85 -15.89 -3.59 -2.67
C VAL B 85 -15.82 -2.11 -3.01
N GLU B 86 -16.95 -1.52 -3.42
CA GLU B 86 -16.98 -0.10 -3.70
C GLU B 86 -16.78 0.72 -2.43
N THR B 87 -17.29 0.25 -1.30
CA THR B 87 -17.07 0.98 -0.06
C THR B 87 -15.63 0.83 0.42
N VAL B 88 -14.99 -0.32 0.15
CA VAL B 88 -13.57 -0.45 0.47
C VAL B 88 -12.76 0.55 -0.35
N ARG B 89 -13.14 0.76 -1.61
CA ARG B 89 -12.43 1.74 -2.44
C ARG B 89 -12.56 3.13 -1.86
N GLU B 90 -13.79 3.52 -1.48
CA GLU B 90 -14.00 4.83 -0.89
C GLU B 90 -13.23 4.97 0.42
N LEU B 91 -13.29 3.93 1.28
CA LEU B 91 -12.56 3.96 2.54
C LEU B 91 -11.07 4.08 2.32
N THR B 92 -10.55 3.47 1.25
CA THR B 92 -9.12 3.57 0.95
C THR B 92 -8.74 5.01 0.62
N GLU B 93 -9.54 5.68 -0.22
CA GLU B 93 -9.24 7.07 -0.57
C GLU B 93 -9.52 8.01 0.59
N PHE B 94 -10.51 7.67 1.44
CA PHE B 94 -10.74 8.45 2.66
C PHE B 94 -9.52 8.36 3.58
N ALA B 95 -9.04 7.15 3.83
CA ALA B 95 -7.86 6.98 4.67
C ALA B 95 -6.65 7.68 4.07
N LYS B 96 -6.44 7.52 2.76
CA LYS B 96 -5.32 8.19 2.10
C LYS B 96 -5.41 9.70 2.24
N SER B 97 -6.62 10.25 2.32
CA SER B 97 -6.79 11.69 2.48
C SER B 97 -6.47 12.17 3.89
N ILE B 98 -6.09 11.27 4.79
CA ILE B 98 -5.67 11.64 6.14
C ILE B 98 -4.15 11.66 6.17
N PRO B 99 -3.50 12.83 6.29
CA PRO B 99 -2.03 12.87 6.19
C PRO B 99 -1.32 11.88 7.10
N SER B 100 -1.80 11.68 8.33
CA SER B 100 -1.13 10.78 9.26
C SER B 100 -1.25 9.33 8.82
N PHE B 101 -2.35 8.97 8.14
CA PHE B 101 -2.45 7.63 7.56
C PHE B 101 -1.47 7.46 6.41
N SER B 102 -1.42 8.45 5.51
CA SER B 102 -0.50 8.40 4.38
C SER B 102 0.96 8.47 4.81
N SER B 103 1.24 8.94 6.02
N SER B 103 1.24 8.94 6.02
CA SER B 103 2.60 8.97 6.53
CA SER B 103 2.61 8.97 6.52
C SER B 103 3.10 7.60 6.95
C SER B 103 3.11 7.58 6.88
N LEU B 104 2.22 6.63 7.08
CA LEU B 104 2.62 5.27 7.43
C LEU B 104 3.16 4.55 6.19
N PHE B 105 4.01 3.56 6.43
CA PHE B 105 4.50 2.74 5.33
C PHE B 105 3.34 2.01 4.68
N LEU B 106 3.41 1.87 3.36
CA LEU B 106 2.27 1.38 2.60
C LEU B 106 1.75 0.05 3.12
N ASN B 107 2.64 -0.79 3.66
CA ASN B 107 2.21 -2.10 4.16
C ASN B 107 1.40 -1.99 5.44
N ASP B 108 1.71 -1.01 6.30
CA ASP B 108 0.84 -0.75 7.44
C ASP B 108 -0.50 -0.18 6.99
N GLN B 109 -0.53 0.59 5.91
CA GLN B 109 -1.79 1.07 5.38
C GLN B 109 -2.68 -0.10 4.96
N VAL B 110 -2.10 -1.09 4.28
CA VAL B 110 -2.88 -2.24 3.85
C VAL B 110 -3.37 -3.05 5.04
N THR B 111 -2.54 -3.18 6.08
CA THR B 111 -2.94 -3.93 7.25
C THR B 111 -4.13 -3.28 7.94
N LEU B 112 -4.08 -1.95 8.12
CA LEU B 112 -5.19 -1.25 8.75
C LEU B 112 -6.47 -1.40 7.94
N LEU B 113 -6.39 -1.22 6.63
CA LEU B 113 -7.58 -1.36 5.80
C LEU B 113 -8.09 -2.79 5.83
N LYS B 114 -7.19 -3.77 5.64
CA LYS B 114 -7.59 -5.17 5.65
C LYS B 114 -8.46 -5.49 6.86
N TYR B 115 -8.03 -5.08 8.05
CA TYR B 115 -8.73 -5.44 9.27
C TYR B 115 -9.70 -4.36 9.74
N GLY B 116 -9.78 -3.22 9.05
CA GLY B 116 -10.65 -2.15 9.48
C GLY B 116 -11.87 -1.90 8.62
N VAL B 117 -11.83 -2.23 7.32
CA VAL B 117 -12.86 -1.73 6.41
C VAL B 117 -14.22 -2.32 6.76
N HIS B 118 -14.29 -3.59 7.14
CA HIS B 118 -15.59 -4.20 7.42
C HIS B 118 -16.23 -3.59 8.67
N GLU B 119 -15.44 -3.32 9.71
CA GLU B 119 -15.98 -2.61 10.86
C GLU B 119 -16.52 -1.25 10.46
N ALA B 120 -15.77 -0.52 9.62
CA ALA B 120 -16.23 0.78 9.16
C ALA B 120 -17.47 0.66 8.29
N ILE B 121 -17.54 -0.41 7.49
CA ILE B 121 -18.68 -0.58 6.58
C ILE B 121 -19.96 -0.80 7.35
N PHE B 122 -19.93 -1.68 8.36
CA PHE B 122 -21.14 -1.98 9.11
C PHE B 122 -21.53 -0.84 10.04
N ALA B 123 -20.60 0.07 10.35
CA ALA B 123 -20.95 1.29 11.05
C ALA B 123 -21.60 2.30 10.10
N MET B 124 -21.03 2.48 8.91
CA MET B 124 -21.64 3.37 7.93
C MET B 124 -22.95 2.80 7.39
N LEU B 125 -23.06 1.47 7.35
CA LEU B 125 -24.30 0.83 6.92
C LEU B 125 -25.51 1.41 7.63
N ALA B 126 -25.36 1.78 8.92
CA ALA B 126 -26.48 2.30 9.68
C ALA B 126 -27.09 3.53 9.03
N SER B 127 -26.27 4.31 8.32
CA SER B 127 -26.74 5.58 7.76
C SER B 127 -27.85 5.35 6.72
N ILE B 128 -27.81 4.23 6.00
CA ILE B 128 -28.76 3.96 4.93
C ILE B 128 -29.83 2.97 5.36
N VAL B 129 -29.96 2.71 6.66
CA VAL B 129 -30.81 1.64 7.18
C VAL B 129 -31.88 2.25 8.08
N ASN B 130 -33.08 1.66 8.03
CA ASN B 130 -34.06 1.79 9.09
C ASN B 130 -34.53 0.38 9.45
N LYS B 131 -35.48 0.29 10.37
CA LYS B 131 -35.91 -1.02 10.85
C LYS B 131 -36.58 -1.85 9.76
N ASP B 132 -36.94 -1.24 8.63
CA ASP B 132 -37.68 -1.92 7.57
C ASP B 132 -36.81 -2.37 6.39
N GLY B 133 -35.58 -1.88 6.28
CA GLY B 133 -34.73 -2.23 5.15
C GLY B 133 -33.61 -1.21 4.99
N LEU B 134 -33.11 -1.11 3.76
CA LEU B 134 -32.00 -0.22 3.48
C LEU B 134 -32.03 0.25 2.04
N LEU B 135 -31.35 1.37 1.81
CA LEU B 135 -31.23 1.95 0.47
C LEU B 135 -30.20 1.19 -0.36
N VAL B 136 -30.47 1.09 -1.66
CA VAL B 136 -29.54 0.53 -2.62
C VAL B 136 -29.46 1.45 -3.83
N ALA B 137 -28.40 1.27 -4.62
CA ALA B 137 -28.24 1.95 -5.90
C ALA B 137 -28.32 3.48 -5.72
N ASN B 138 -27.47 3.99 -4.85
CA ASN B 138 -27.36 5.42 -4.61
C ASN B 138 -28.70 6.03 -4.22
N GLY B 139 -29.53 5.25 -3.53
CA GLY B 139 -30.84 5.73 -3.12
C GLY B 139 -31.94 5.52 -4.12
N SER B 140 -31.64 4.97 -5.30
CA SER B 140 -32.68 4.70 -6.30
C SER B 140 -33.58 3.55 -5.90
N GLY B 141 -33.16 2.72 -4.93
CA GLY B 141 -33.95 1.59 -4.50
C GLY B 141 -33.97 1.48 -2.99
N PHE B 142 -34.87 0.63 -2.52
CA PHE B 142 -34.98 0.32 -1.09
C PHE B 142 -35.36 -1.15 -0.97
N VAL B 143 -34.45 -1.94 -0.41
CA VAL B 143 -34.66 -3.37 -0.24
C VAL B 143 -35.17 -3.63 1.16
N THR B 144 -36.28 -4.33 1.27
CA THR B 144 -36.92 -4.56 2.56
C THR B 144 -36.15 -5.60 3.37
N ARG B 145 -36.25 -5.44 4.69
CA ARG B 145 -35.59 -6.38 5.61
C ARG B 145 -36.24 -7.75 5.55
N GLU B 146 -37.57 -7.81 5.44
N GLU B 146 -37.57 -7.81 5.44
CA GLU B 146 -38.25 -9.10 5.35
CA GLU B 146 -38.24 -9.11 5.35
C GLU B 146 -37.83 -9.88 4.12
C GLU B 146 -37.79 -9.88 4.13
N PHE B 147 -37.58 -9.19 3.01
CA PHE B 147 -37.14 -9.87 1.80
C PHE B 147 -35.78 -10.52 1.99
N LEU B 148 -34.84 -9.80 2.60
CA LEU B 148 -33.52 -10.36 2.84
C LEU B 148 -33.57 -11.50 3.84
N ARG B 149 -34.48 -11.42 4.82
CA ARG B 149 -34.68 -12.54 5.74
C ARG B 149 -35.19 -13.78 5.01
N SER B 150 -35.93 -13.58 3.92
CA SER B 150 -36.53 -14.70 3.19
C SER B 150 -35.53 -15.45 2.33
N LEU B 151 -34.33 -14.92 2.11
CA LEU B 151 -33.32 -15.65 1.37
C LEU B 151 -32.93 -16.91 2.15
N ARG B 152 -32.49 -17.92 1.42
CA ARG B 152 -32.13 -19.17 2.08
C ARG B 152 -30.85 -18.99 2.88
N LYS B 153 -30.71 -19.79 3.93
CA LYS B 153 -29.47 -19.82 4.69
C LYS B 153 -28.37 -20.29 3.73
N PRO B 154 -27.12 -19.86 3.96
CA PRO B 154 -26.66 -18.98 5.03
C PRO B 154 -26.74 -17.50 4.71
N PHE B 155 -27.36 -17.16 3.57
CA PHE B 155 -27.32 -15.78 3.10
C PHE B 155 -28.23 -14.87 3.94
N SER B 156 -29.37 -15.39 4.39
CA SER B 156 -30.20 -14.62 5.30
C SER B 156 -29.52 -14.45 6.65
N ASP B 157 -28.76 -15.45 7.09
CA ASP B 157 -28.12 -15.40 8.40
C ASP B 157 -27.04 -14.33 8.46
N ILE B 158 -26.37 -14.06 7.33
CA ILE B 158 -25.28 -13.09 7.31
C ILE B 158 -25.77 -11.66 7.23
N ILE B 159 -27.06 -11.45 6.98
CA ILE B 159 -27.60 -10.11 6.78
C ILE B 159 -28.29 -9.58 8.03
N GLU B 160 -29.11 -10.42 8.68
CA GLU B 160 -29.92 -9.92 9.79
C GLU B 160 -29.10 -9.32 10.92
N PRO B 161 -28.00 -9.91 11.36
CA PRO B 161 -27.25 -9.31 12.48
C PRO B 161 -26.85 -7.87 12.25
N LYS B 162 -26.63 -7.46 10.99
CA LYS B 162 -26.22 -6.09 10.71
C LYS B 162 -27.37 -5.11 10.92
N PHE B 163 -28.60 -5.54 10.63
CA PHE B 163 -29.76 -4.70 10.93
C PHE B 163 -29.92 -4.49 12.42
N GLU B 164 -29.71 -5.55 13.21
CA GLU B 164 -29.84 -5.43 14.65
C GLU B 164 -28.86 -4.41 15.20
N PHE B 165 -27.60 -4.47 14.75
CA PHE B 165 -26.61 -3.48 15.16
C PHE B 165 -26.98 -2.08 14.68
N ALA B 166 -27.43 -1.97 13.43
CA ALA B 166 -27.63 -0.67 12.81
C ALA B 166 -28.75 0.12 13.51
N VAL B 167 -29.84 -0.55 13.88
CA VAL B 167 -30.95 0.16 14.50
C VAL B 167 -30.53 0.71 15.86
N LYS B 168 -29.79 -0.09 16.63
CA LYS B 168 -29.27 0.41 17.90
C LYS B 168 -28.28 1.55 17.69
N PHE B 169 -27.42 1.43 16.66
CA PHE B 169 -26.44 2.48 16.38
C PHE B 169 -27.13 3.79 16.02
N ASN B 170 -28.19 3.72 15.20
CA ASN B 170 -28.92 4.92 14.83
C ASN B 170 -29.57 5.60 16.03
N ALA B 171 -29.83 4.86 17.11
CA ALA B 171 -30.38 5.48 18.31
C ALA B 171 -29.47 6.55 18.89
N LEU B 172 -28.18 6.49 18.61
CA LEU B 172 -27.24 7.49 19.11
C LEU B 172 -27.31 8.79 18.32
N GLU B 173 -27.91 8.77 17.14
CA GLU B 173 -28.21 9.99 16.38
C GLU B 173 -26.94 10.78 16.04
N LEU B 174 -25.89 10.07 15.62
CA LEU B 174 -24.71 10.73 15.08
C LEU B 174 -25.06 11.42 13.77
N ASP B 175 -24.35 12.52 13.49
CA ASP B 175 -24.36 13.12 12.16
C ASP B 175 -23.06 12.78 11.45
N ASP B 176 -22.91 13.31 10.23
CA ASP B 176 -21.76 12.95 9.40
C ASP B 176 -20.46 13.44 10.00
N SER B 177 -20.45 14.60 10.66
N SER B 177 -20.45 14.60 10.66
CA SER B 177 -19.23 15.08 11.28
CA SER B 177 -19.24 15.09 11.28
C SER B 177 -18.78 14.14 12.39
C SER B 177 -18.78 14.17 12.41
N ASP B 178 -19.73 13.55 13.12
CA ASP B 178 -19.37 12.56 14.13
C ASP B 178 -18.83 11.30 13.47
N LEU B 179 -19.50 10.82 12.43
CA LEU B 179 -19.12 9.57 11.79
C LEU B 179 -17.73 9.64 11.18
N ALA B 180 -17.37 10.78 10.62
CA ALA B 180 -16.06 10.92 10.00
C ALA B 180 -14.95 10.57 10.99
N LEU B 181 -15.01 11.13 12.20
CA LEU B 181 -14.01 10.83 13.21
C LEU B 181 -14.14 9.38 13.70
N PHE B 182 -15.39 8.92 13.86
CA PHE B 182 -15.62 7.55 14.30
C PHE B 182 -15.01 6.54 13.32
N ILE B 183 -15.25 6.73 12.03
CA ILE B 183 -14.68 5.82 11.03
C ILE B 183 -13.16 5.92 11.02
N ALA B 184 -12.63 7.13 11.14
CA ALA B 184 -11.19 7.29 11.19
C ALA B 184 -10.59 6.54 12.36
N ALA B 185 -11.30 6.54 13.50
CA ALA B 185 -10.82 5.81 14.68
C ALA B 185 -10.81 4.32 14.45
N ILE B 186 -11.75 3.80 13.66
CA ILE B 186 -11.82 2.37 13.37
C ILE B 186 -10.67 1.94 12.48
N ILE B 187 -10.36 2.73 11.45
CA ILE B 187 -9.28 2.38 10.54
C ILE B 187 -7.93 2.47 11.26
N LEU B 188 -7.70 3.56 11.98
CA LEU B 188 -6.43 3.78 12.65
C LEU B 188 -6.49 3.13 14.03
N CYS B 189 -6.35 1.81 14.03
CA CYS B 189 -6.48 0.98 15.22
C CYS B 189 -5.18 0.21 15.41
N GLY B 190 -4.53 0.42 16.54
CA GLY B 190 -3.23 -0.17 16.79
C GLY B 190 -3.24 -1.65 17.11
N ASP B 191 -4.42 -2.27 17.19
CA ASP B 191 -4.55 -3.67 17.59
C ASP B 191 -4.52 -4.63 16.42
N ARG B 192 -4.43 -4.15 15.18
CA ARG B 192 -4.60 -5.04 14.04
C ARG B 192 -3.43 -6.02 13.95
N PRO B 193 -3.68 -7.27 13.59
CA PRO B 193 -2.58 -8.25 13.51
C PRO B 193 -1.55 -7.86 12.47
N GLY B 194 -0.28 -8.09 12.80
CA GLY B 194 0.81 -7.88 11.86
C GLY B 194 1.18 -6.44 11.64
N LEU B 195 0.63 -5.50 12.40
CA LEU B 195 1.04 -4.11 12.28
C LEU B 195 2.53 -3.99 12.55
N MET B 196 3.18 -3.11 11.79
CA MET B 196 4.62 -2.90 11.93
C MET B 196 4.88 -1.83 12.99
N ASN B 197 4.47 -0.59 12.70
CA ASN B 197 4.73 0.55 13.59
C ASN B 197 3.51 0.73 14.51
N VAL B 198 3.42 -0.16 15.51
CA VAL B 198 2.30 -0.09 16.45
C VAL B 198 2.29 1.23 17.23
N PRO B 199 3.39 1.68 17.82
CA PRO B 199 3.32 2.93 18.62
C PRO B 199 2.84 4.11 17.81
N ARG B 200 3.25 4.19 16.55
CA ARG B 200 2.83 5.30 15.69
C ARG B 200 1.32 5.29 15.48
N VAL B 201 0.77 4.11 15.17
CA VAL B 201 -0.67 4.01 14.92
C VAL B 201 -1.45 4.26 16.22
N GLU B 202 -1.00 3.66 17.32
CA GLU B 202 -1.66 3.93 18.60
C GLU B 202 -1.71 5.41 18.90
N ALA B 203 -0.62 6.13 18.61
CA ALA B 203 -0.60 7.56 18.87
C ALA B 203 -1.59 8.30 17.98
N ILE B 204 -1.69 7.90 16.70
CA ILE B 204 -2.68 8.49 15.81
C ILE B 204 -4.07 8.18 16.31
N GLN B 205 -4.32 6.92 16.68
CA GLN B 205 -5.63 6.53 17.20
C GLN B 205 -6.01 7.38 18.40
N ASP B 206 -5.05 7.65 19.28
CA ASP B 206 -5.35 8.44 20.48
C ASP B 206 -5.71 9.87 20.11
N THR B 207 -4.99 10.46 19.15
CA THR B 207 -5.33 11.82 18.71
C THR B 207 -6.74 11.87 18.12
N ILE B 208 -7.12 10.83 17.36
CA ILE B 208 -8.45 10.81 16.77
C ILE B 208 -9.51 10.69 17.87
N LEU B 209 -9.27 9.83 18.85
CA LEU B 209 -10.25 9.67 19.93
C LEU B 209 -10.38 10.94 20.75
N ARG B 210 -9.27 11.61 21.04
CA ARG B 210 -9.35 12.92 21.67
C ARG B 210 -10.18 13.89 20.85
N ALA B 211 -9.88 13.96 19.55
CA ALA B 211 -10.65 14.82 18.66
C ALA B 211 -12.12 14.47 18.66
N LEU B 212 -12.43 13.16 18.67
CA LEU B 212 -13.82 12.73 18.70
C LEU B 212 -14.51 13.21 19.98
N GLU B 213 -13.88 12.98 21.14
CA GLU B 213 -14.48 13.44 22.39
C GLU B 213 -14.68 14.95 22.37
N PHE B 214 -13.63 15.70 22.02
CA PHE B 214 -13.75 17.14 21.86
C PHE B 214 -14.94 17.49 20.96
N HIS B 215 -15.11 16.76 19.87
CA HIS B 215 -16.16 17.08 18.92
C HIS B 215 -17.54 16.79 19.49
N LEU B 216 -17.72 15.63 20.14
CA LEU B 216 -19.01 15.29 20.71
C LEU B 216 -19.41 16.25 21.83
N GLN B 217 -18.43 16.85 22.50
CA GLN B 217 -18.75 17.85 23.52
C GLN B 217 -19.43 19.06 22.89
N ALA B 218 -18.89 19.54 21.77
CA ALA B 218 -19.45 20.71 21.11
C ALA B 218 -20.71 20.36 20.32
N ASN B 219 -20.72 19.20 19.66
CA ASN B 219 -21.81 18.87 18.74
C ASN B 219 -23.02 18.29 19.46
N HIS B 220 -22.81 17.54 20.55
CA HIS B 220 -23.89 16.95 21.33
C HIS B 220 -23.73 17.35 22.80
N PRO B 221 -23.79 18.64 23.10
CA PRO B 221 -23.54 19.07 24.49
C PRO B 221 -24.51 18.48 25.49
N ASP B 222 -25.72 18.15 25.07
CA ASP B 222 -26.73 17.59 25.97
C ASP B 222 -26.65 16.07 26.09
N ALA B 223 -25.92 15.40 25.19
CA ALA B 223 -25.84 13.95 25.22
C ALA B 223 -25.04 13.47 26.41
N GLN B 224 -25.49 12.38 27.03
CA GLN B 224 -24.87 11.82 28.22
C GLN B 224 -24.15 10.53 27.86
N TYR B 225 -22.89 10.42 28.27
CA TYR B 225 -22.10 9.19 28.13
C TYR B 225 -21.94 8.78 26.68
N LEU B 226 -22.03 9.71 25.73
CA LEU B 226 -22.02 9.33 24.32
C LEU B 226 -20.65 8.82 23.89
N PHE B 227 -19.57 9.45 24.39
CA PHE B 227 -18.23 9.00 24.01
C PHE B 227 -17.97 7.58 24.46
N PRO B 228 -18.09 7.23 25.75
CA PRO B 228 -17.93 5.83 26.13
C PRO B 228 -18.92 4.91 25.45
N LYS B 229 -20.11 5.41 25.12
CA LYS B 229 -21.06 4.63 24.35
C LYS B 229 -20.48 4.25 23.00
N LEU B 230 -19.84 5.20 22.32
CA LEU B 230 -19.26 4.91 21.01
C LEU B 230 -18.04 4.00 21.14
N LEU B 231 -17.30 4.10 22.24
CA LEU B 231 -16.20 3.17 22.45
C LEU B 231 -16.71 1.75 22.59
N GLN B 232 -17.87 1.57 23.22
CA GLN B 232 -18.48 0.25 23.31
C GLN B 232 -18.93 -0.23 21.93
N LYS B 233 -19.43 0.68 21.09
CA LYS B 233 -19.83 0.29 19.74
C LYS B 233 -18.63 -0.19 18.93
N MET B 234 -17.47 0.42 19.13
CA MET B 234 -16.25 -0.06 18.49
C MET B 234 -15.96 -1.50 18.89
N ALA B 235 -16.12 -1.81 20.18
CA ALA B 235 -15.99 -3.20 20.61
C ALA B 235 -17.08 -4.07 20.00
N ASP B 236 -18.31 -3.56 19.94
CA ASP B 236 -19.40 -4.31 19.32
C ASP B 236 -19.07 -4.64 17.87
N LEU B 237 -18.52 -3.68 17.14
CA LEU B 237 -18.21 -3.90 15.73
C LEU B 237 -17.16 -4.98 15.55
N ARG B 238 -16.20 -5.08 16.47
CA ARG B 238 -15.20 -6.14 16.36
C ARG B 238 -15.84 -7.52 16.49
N GLN B 239 -16.81 -7.65 17.40
CA GLN B 239 -17.52 -8.91 17.54
C GLN B 239 -18.37 -9.20 16.32
N LEU B 240 -19.09 -8.19 15.81
CA LEU B 240 -19.94 -8.37 14.64
C LEU B 240 -19.12 -8.80 13.42
N VAL B 241 -17.88 -8.31 13.30
CA VAL B 241 -17.08 -8.67 12.13
C VAL B 241 -16.45 -10.05 12.31
N THR B 242 -16.08 -10.41 13.54
CA THR B 242 -15.60 -11.77 13.79
C THR B 242 -16.65 -12.79 13.38
N GLU B 243 -17.90 -12.59 13.83
CA GLU B 243 -18.99 -13.49 13.45
C GLU B 243 -19.22 -13.45 11.95
N HIS B 244 -19.17 -12.27 11.35
CA HIS B 244 -19.34 -12.15 9.91
C HIS B 244 -18.27 -12.94 9.16
N ALA B 245 -17.01 -12.83 9.59
CA ALA B 245 -15.95 -13.57 8.93
C ALA B 245 -16.14 -15.07 9.08
N GLN B 246 -16.68 -15.51 10.21
CA GLN B 246 -16.96 -16.93 10.39
C GLN B 246 -18.03 -17.41 9.41
N MET B 247 -19.10 -16.64 9.23
CA MET B 247 -20.13 -17.01 8.28
C MET B 247 -19.58 -17.02 6.85
N MET B 248 -18.68 -16.09 6.54
CA MET B 248 -18.08 -16.06 5.20
C MET B 248 -17.22 -17.31 4.96
N GLN B 249 -16.51 -17.76 5.98
CA GLN B 249 -15.74 -19.00 5.85
C GLN B 249 -16.67 -20.18 5.61
N ARG B 250 -17.85 -20.17 6.26
CA ARG B 250 -18.85 -21.19 5.99
C ARG B 250 -19.27 -21.19 4.52
N ILE B 251 -19.56 -20.00 3.99
CA ILE B 251 -19.98 -19.89 2.59
C ILE B 251 -18.87 -20.38 1.67
N LYS B 252 -17.62 -20.04 1.99
CA LYS B 252 -16.50 -20.53 1.19
C LYS B 252 -16.49 -22.05 1.14
N LYS B 253 -16.78 -22.71 2.26
CA LYS B 253 -16.67 -24.15 2.35
C LYS B 253 -17.90 -24.90 1.86
N THR B 254 -19.07 -24.27 1.87
CA THR B 254 -20.33 -24.96 1.60
C THR B 254 -21.06 -24.46 0.37
N GLU B 255 -20.80 -23.22 -0.08
CA GLU B 255 -21.44 -22.68 -1.27
C GLU B 255 -20.43 -22.64 -2.41
N THR B 256 -19.98 -23.82 -2.84
CA THR B 256 -18.90 -23.91 -3.82
C THR B 256 -19.24 -23.17 -5.10
N GLU B 257 -20.52 -23.06 -5.45
CA GLU B 257 -20.93 -22.41 -6.69
C GLU B 257 -20.92 -20.90 -6.60
N THR B 258 -20.72 -20.32 -5.40
CA THR B 258 -20.78 -18.89 -5.20
C THR B 258 -19.39 -18.28 -5.33
N SER B 259 -19.27 -17.28 -6.19
CA SER B 259 -17.99 -16.61 -6.38
C SER B 259 -17.76 -15.58 -5.27
N LEU B 260 -16.49 -15.30 -5.00
CA LEU B 260 -16.10 -14.25 -4.07
C LEU B 260 -15.10 -13.35 -4.77
N HIS B 261 -15.38 -12.05 -4.75
CA HIS B 261 -14.50 -11.08 -5.37
C HIS B 261 -13.05 -11.30 -4.92
N PRO B 262 -12.06 -11.11 -5.80
CA PRO B 262 -10.68 -11.34 -5.37
C PRO B 262 -10.25 -10.53 -4.17
N LEU B 263 -10.57 -9.23 -4.14
CA LEU B 263 -10.17 -8.39 -3.02
C LEU B 263 -10.73 -8.90 -1.70
N LEU B 264 -11.98 -9.35 -1.70
CA LEU B 264 -12.56 -9.92 -0.49
C LEU B 264 -11.89 -11.23 -0.11
N GLN B 265 -11.41 -11.98 -1.10
CA GLN B 265 -10.65 -13.18 -0.79
C GLN B 265 -9.37 -12.84 -0.05
N GLU B 266 -8.69 -11.76 -0.48
CA GLU B 266 -7.46 -11.35 0.19
C GLU B 266 -7.73 -10.90 1.62
N ILE B 267 -8.85 -10.21 1.86
CA ILE B 267 -9.19 -9.77 3.20
C ILE B 267 -9.47 -10.97 4.11
N TYR B 268 -10.18 -11.97 3.59
CA TYR B 268 -10.50 -13.17 4.34
C TYR B 268 -9.48 -14.30 4.13
N LYS B 269 -8.28 -13.95 3.67
CA LYS B 269 -7.29 -14.98 3.32
C LYS B 269 -7.01 -15.92 4.48
N ASP B 270 -7.09 -15.42 5.71
CA ASP B 270 -6.79 -16.25 6.87
C ASP B 270 -7.94 -17.19 7.18
C5 B7G C . -1.19 -8.30 1.47
O5 B7G C . -2.58 -8.01 1.10
C1 B7G C . -3.56 -8.63 2.00
C2 B7G C . -3.32 -10.12 2.14
C3 B7G C . -1.94 -10.40 2.60
C4 B7G C . -0.93 -9.78 1.72
C6 B7G C . -0.29 -7.83 0.38
O1 B7G C . -4.84 -8.39 1.50
C7 B7G C . -5.48 -7.23 2.05
C8 B7G C . -6.62 -6.75 1.12
C9 B7G C . -7.22 -5.43 1.65
C10 B7G C . -6.78 -4.26 0.75
C11 B7G C . -7.66 -3.02 1.05
C12 B7G C . -7.08 -1.76 0.36
O2 B7G C . -4.27 -10.67 3.06
O3 B7G C . -1.73 -11.85 2.62
O4 B7G C . 0.37 -9.91 2.32
O6 B7G C . -0.39 -6.44 0.25
C13 B7G C . -7.11 -1.89 -1.17
H5 B7G C . -0.98 -7.80 2.29
H1 B7G C . -3.49 -8.21 2.88
H2 B7G C . -3.46 -10.54 1.26
H3 B7G C . -1.84 -10.05 3.50
H4 B7G C . -0.93 -10.24 0.85
H61 B7G C . -0.56 -8.26 -0.46
H62 B7G C . 0.64 -8.08 0.59
H71 B7G C . -5.85 -7.45 2.93
H72 B7G C . -4.82 -6.50 2.14
H81 B7G C . -7.31 -7.43 1.05
H82 B7G C . -6.23 -6.59 0.22
H91 B7G C . -6.91 -5.28 2.56
H92 B7G C . -8.20 -5.50 1.65
H101 B7G C . -6.87 -4.50 -0.19
H102 B7G C . -5.84 -4.04 0.93
H111 B7G C . -8.58 -3.18 0.72
H112 B7G C . -7.68 -2.87 2.01
H121 B7G C . -6.15 -1.63 0.65
H122 B7G C . -7.61 -0.98 0.62
HO2 B7G C . -4.57 -11.45 2.76
HO3 B7G C . -2.02 -12.18 3.38
HO4 B7G C . 0.86 -10.48 1.83
HO6 B7G C . -0.28 -6.21 -0.61
H131 B7G C . -6.61 -2.71 -1.43
H132 B7G C . -8.03 -1.97 -1.47
H133 B7G C . -6.69 -1.11 -1.57
C4 7U7 D . 25.86 -1.47 -1.52
C5 7U7 D . 25.06 -1.92 -0.46
C6 7U7 D . 24.27 -0.94 0.38
C7 7U7 D . 24.01 -5.02 1.22
C8 7U7 D . 23.28 -5.14 2.56
C10 7U7 D . 21.04 -5.17 3.61
C13 7U7 D . 23.15 0.25 -1.48
C15 7U7 D . 25.73 1.69 0.94
C17 7U7 D . 25.60 2.72 1.86
C20 7U7 D . 27.87 1.12 1.89
C21 7U7 D . 28.82 2.38 3.81
C22 7U7 D . 22.25 -0.96 -1.71
C24 7U7 D . 28.83 3.30 4.85
C26 7U7 D . 30.78 2.24 4.87
N 7U7 D . 24.07 0.31 -0.33
C 7U7 D . 24.99 -3.26 -0.17
O 7U7 D . 24.19 -3.65 0.88
C1 7U7 D . 25.72 -4.19 -0.92
O1 7U7 D . 17.77 -4.18 2.44
C2 7U7 D . 26.51 -3.74 -1.97
O2 7U7 D . 18.77 -6.13 2.34
C3 7U7 D . 26.59 -2.39 -2.26
O3 7U7 D . 24.28 2.48 -0.69
O4 7U7 D . 30.03 1.73 3.83
C9 7U7 D . 21.88 -4.55 2.50
C11 7U7 D . 19.70 -4.47 3.78
C12 7U7 D . 18.68 -4.96 2.78
C14 7U7 D . 24.64 1.50 -0.08
C16 7U7 D . 26.87 0.90 0.95
C18 7U7 D . 26.60 2.95 2.81
C19 7U7 D . 27.74 2.14 2.83
C23 7U7 D . 21.74 0.23 -0.92
C25 7U7 D . 30.03 3.21 5.51
H3 7U7 D . 25.93 -0.42 -1.74
H4 7U7 D . 24.80 -0.75 1.31
H5 7U7 D . 23.30 -1.38 0.63
H6 7U7 D . 24.98 -5.51 1.30
H7 7U7 D . 23.44 -5.52 0.45
H8 7U7 D . 23.22 -6.19 2.85
H9 7U7 D . 23.85 -4.61 3.33
H12 7U7 D . 20.87 -6.23 3.40
H13 7U7 D . 21.60 -5.10 4.55
H16 7U7 D . 23.24 0.98 -2.29
H18 7U7 D . 24.72 3.35 1.85
H20 7U7 D . 28.75 0.49 1.90
H21 7U7 D . 21.85 -1.07 -2.71
H22 7U7 D . 22.49 -1.85 -1.13
H25 7U7 D . 28.01 3.97 5.10
H27 7U7 D . 31.77 1.92 5.16
H 7U7 D . 25.65 -5.24 -0.69
H1 7U7 D . 27.07 -4.45 -2.55
H2 7U7 D . 27.21 -2.05 -3.08
H10 7U7 D . 21.92 -3.46 2.61
H11 7U7 D . 21.42 -4.77 1.53
H15 7U7 D . 19.33 -4.64 4.80
H14 7U7 D . 19.83 -3.39 3.66
H17 7U7 D . 26.97 0.10 0.23
H19 7U7 D . 26.50 3.75 3.52
H23 7U7 D . 21.65 0.10 0.17
H24 7U7 D . 21.01 0.87 -1.43
H26 7U7 D . 30.33 3.78 6.37
C1 PGO E . 12.56 -10.96 -2.63
C2 PGO E . 12.04 -11.19 -1.23
C3 PGO E . 10.79 -10.37 -1.02
O1 PGO E . 13.02 -9.63 -2.73
O2 PGO E . 13.01 -10.79 -0.31
H11 PGO E . 13.29 -11.58 -2.81
H12 PGO E . 11.84 -11.11 -3.27
H2 PGO E . 11.83 -12.13 -1.10
H31 PGO E . 10.89 -9.82 -0.22
H32 PGO E . 10.64 -9.79 -1.79
H33 PGO E . 10.03 -10.96 -0.91
HO1 PGO E . 13.37 -9.37 -1.96
HO2 PGO E . 12.71 -10.91 0.52
C1 PGO F . 21.10 4.71 -5.47
C2 PGO F . 20.74 3.85 -4.27
C3 PGO F . 21.62 4.22 -3.10
O1 PGO F . 20.11 5.71 -5.63
O2 PGO F . 20.94 2.49 -4.59
H11 PGO F . 21.14 4.16 -6.27
H12 PGO F . 21.97 5.13 -5.32
H2 PGO F . 19.81 4.00 -4.03
H31 PGO F . 21.40 3.65 -2.35
H32 PGO F . 22.56 4.09 -3.35
H33 PGO F . 21.48 5.15 -2.87
HO1 PGO F . 20.30 6.17 -6.37
HO2 PGO F . 20.18 2.15 -4.92
C1 PEG G . 12.61 -10.78 -18.26
O1 PEG G . 11.33 -10.21 -18.37
C2 PEG G . 12.77 -11.47 -16.91
O2 PEG G . 12.11 -12.73 -16.94
C3 PEG G . 12.65 -13.69 -16.00
C4 PEG G . 11.94 -14.94 -16.13
O4 PEG G . 12.35 -15.83 -15.13
H11 PEG G . 12.73 -11.44 -18.98
H12 PEG G . 13.29 -10.08 -18.37
HO1 PEG G . 11.35 -9.52 -18.90
H21 PEG G . 13.71 -11.60 -16.71
H22 PEG G . 12.37 -10.91 -16.21
H31 PEG G . 12.57 -13.35 -15.09
H32 PEG G . 13.60 -13.83 -16.19
H41 PEG G . 10.98 -14.78 -16.04
H42 PEG G . 12.12 -15.33 -17.00
HO4 PEG G . 11.82 -16.47 -15.08
C1 PEG H . 16.69 -8.19 15.49
O1 PEG H . 16.14 -8.20 14.19
C2 PEG H . 16.28 -6.91 16.22
O2 PEG H . 15.51 -6.10 15.34
C3 PEG H . 15.41 -4.72 15.74
C4 PEG H . 14.17 -4.16 15.23
O4 PEG H . 14.28 -2.77 15.15
H11 PEG H . 17.66 -8.25 15.44
H12 PEG H . 16.34 -8.98 15.98
HO1 PEG H . 16.37 -8.93 13.77
H21 PEG H . 17.07 -6.42 16.48
H22 PEG H . 15.75 -7.13 17.00
H31 PEG H . 16.16 -4.22 15.38
H32 PEG H . 15.42 -4.65 16.71
H41 PEG H . 13.99 -4.52 14.35
H42 PEG H . 13.44 -4.40 15.82
HO4 PEG H . 13.52 -2.43 15.26
C5 B7G I . 1.90 -7.10 4.19
O5 B7G I . 3.21 -6.45 4.21
C1 B7G I . 4.28 -7.36 3.76
C2 B7G I . 4.30 -8.63 4.60
C3 B7G I . 2.99 -9.33 4.54
C4 B7G I . 1.85 -8.44 4.90
C6 B7G I . 0.89 -6.20 4.84
O1 B7G I . 5.53 -6.77 3.83
C7 B7G I . 5.63 -5.39 3.47
C8 B7G I . 6.68 -5.22 2.35
C9 B7G I . 7.29 -3.81 2.36
C10 B7G I . 6.45 -2.83 1.50
C11 B7G I . 7.38 -1.70 0.98
C12 B7G I . 6.55 -0.46 0.58
O2 B7G I . 5.33 -9.49 4.13
O3 B7G I . 3.01 -10.46 5.46
O4 B7G I . 0.63 -9.10 4.58
O6 B7G I . 0.41 -5.28 3.90
C13 B7G I . 6.14 0.33 1.84
H5 B7G I . 1.63 -7.23 3.26
H1 B7G I . 4.10 -7.61 2.83
H2 B7G I . 4.48 -8.39 5.53
H3 B7G I . 2.85 -9.66 3.64
H4 B7G I . 1.89 -8.29 5.88
H61 B7G I . 1.32 -5.71 5.57
H62 B7G I . 0.15 -6.73 5.19
H71 B7G I . 4.76 -5.07 3.15
H72 B7G I . 5.89 -4.86 4.26
H81 B7G I . 6.24 -5.38 1.50
H82 B7G I . 7.40 -5.88 2.47
H91 B7G I . 7.33 -3.48 3.28
H92 B7G I . 8.19 -3.85 1.99
H101 B7G I . 6.08 -3.31 0.74
H102 B7G I . 5.71 -2.45 2.03
H111 B7G I . 8.01 -1.45 1.69
H112 B7G I . 7.86 -2.02 0.21
H121 B7G I . 7.10 0.12 0.01
H122 B7G I . 5.75 -0.74 0.09
HO2 B7G I . 5.75 -9.87 4.81
HO3 B7G I . 3.31 -11.19 5.04
HO4 B7G I . 0.29 -9.48 5.31
HO6 B7G I . 0.53 -4.45 4.20
H131 B7G I . 5.64 -0.27 2.44
H132 B7G I . 6.94 0.65 2.30
H133 B7G I . 5.58 1.08 1.58
C4 7U7 J . -26.15 -5.10 3.98
C5 7U7 J . -25.20 -5.89 3.34
C6 7U7 J . -24.60 -5.48 2.01
C7 7U7 J . -23.52 -9.16 3.73
C8 7U7 J . -22.63 -9.83 2.70
C10 7U7 J . -20.57 -9.21 1.36
C13 7U7 J . -23.91 -3.23 2.76
C15 7U7 J . -26.47 -4.04 0.06
C17 7U7 J . -26.45 -3.80 -1.32
C20 7U7 J . -28.41 -5.44 -0.22
C21 7U7 J . -29.42 -5.84 -2.47
C22 7U7 J . -22.80 -3.86 3.59
C24 7U7 J . -29.58 -5.66 -3.83
C26 7U7 J . -31.20 -7.01 -3.11
N 7U7 J . -24.71 -4.04 1.82
C 7U7 J . -24.80 -7.09 3.93
O 7U7 J . -23.87 -7.85 3.29
C1 7U7 J . -25.34 -7.49 5.15
O1 7U7 J . -17.72 -8.16 2.20
C2 7U7 J . -26.28 -6.69 5.77
O2 7U7 J . -18.13 -9.85 3.52
C3 7U7 J . -26.69 -5.49 5.19
O3 7U7 J . -25.30 -2.17 0.80
O4 7U7 J . -30.43 -6.65 -2.02
C9 7U7 J . -21.23 -9.24 2.74
C11 7U7 J . -19.18 -9.84 1.38
C12 7U7 J . -18.29 -9.24 2.44
C14 7U7 J . -25.43 -3.38 0.93
C16 7U7 J . -27.46 -4.85 0.60
C18 7U7 J . -27.40 -4.38 -2.14
C19 7U7 J . -28.38 -5.21 -1.59
C23 7U7 J . -22.47 -3.21 2.25
C25 7U7 J . -30.68 -6.40 -4.22
H3 7U7 J . -26.47 -4.16 3.52
H4 7U7 J . -23.55 -5.79 1.97
H5 7U7 J . -25.13 -5.99 1.20
H6 7U7 J . -23.00 -9.10 4.69
H7 7U7 J . -24.43 -9.75 3.88
H8 7U7 J . -23.06 -9.70 1.70
H9 7U7 J . -22.57 -10.91 2.91
H12 7U7 J . -21.20 -9.75 0.66
H13 7U7 J . -20.49 -8.18 1.02
H16 7U7 J . -24.25 -2.21 3.03
H18 7U7 J . -25.69 -3.16 -1.74
H20 7U7 J . -29.17 -6.08 0.20
H21 7U7 J . -22.77 -4.94 3.62
H22 7U7 J . -22.50 -3.30 4.48
H25 7U7 J . -28.94 -5.07 -4.47
H27 7U7 J . -32.07 -7.66 -3.09
H 7U7 J . -25.02 -8.41 5.61
H1 7U7 J . -26.70 -6.99 6.72
H2 7U7 J . -27.43 -4.88 5.68
H10 7U7 J . -21.28 -8.22 3.13
H11 7U7 J . -20.61 -9.83 3.42
H15 7U7 J . -18.72 -9.70 0.40
H14 7U7 J . -19.27 -10.92 1.55
H17 7U7 J . -27.48 -5.04 1.66
H19 7U7 J . -27.39 -4.19 -3.21
H23 7U7 J . -22.24 -3.90 1.44
H24 7U7 J . -21.96 -2.25 2.29
H26 7U7 J . -31.05 -6.48 -5.24
C1 PGO K . -11.86 -5.87 21.96
C2 PGO K . -11.72 -4.61 22.80
C3 PGO K . -11.73 -3.39 21.90
O1 PGO K . -13.19 -6.02 21.56
O2 PGO K . -10.51 -4.65 23.51
H11 PGO K . -11.28 -5.79 21.18
H12 PGO K . -11.58 -6.64 22.50
H2 PGO K . -12.47 -4.56 23.43
H31 PGO K . -10.90 -3.35 21.40
H32 PGO K . -12.48 -3.46 21.28
H33 PGO K . -11.83 -2.59 22.45
HO1 PGO K . -13.40 -6.88 21.56
HO2 PGO K . -10.65 -4.97 24.33
C1 PEG L . -22.54 1.15 2.86
O1 PEG L . -21.44 1.38 3.72
C2 PEG L . -22.82 2.42 2.06
O2 PEG L . -23.40 3.40 2.91
C3 PEG L . -22.71 4.67 2.93
C4 PEG L . -23.27 5.50 3.98
O4 PEG L . -22.51 6.66 4.12
H11 PEG L . -23.34 0.92 3.41
H12 PEG L . -22.34 0.41 2.26
HO1 PEG L . -21.39 0.72 4.30
H21 PEG L . -22.00 2.76 1.69
H22 PEG L . -23.45 2.22 1.34
H31 PEG L . -22.83 5.11 2.07
H32 PEG L . -21.77 4.53 3.10
H41 PEG L . -24.19 5.74 3.76
H42 PEG L . -23.26 5.01 4.81
HO4 PEG L . -22.81 7.13 4.75
C1 PEG M . -17.99 6.86 33.38
O1 PEG M . -18.58 6.45 34.60
C2 PEG M . -16.92 5.85 32.95
O2 PEG M . -16.33 6.28 31.73
C3 PEG M . -15.15 5.55 31.33
C4 PEG M . -14.44 6.30 30.30
O4 PEG M . -13.43 5.51 29.75
H11 PEG M . -18.68 6.92 32.69
H12 PEG M . -17.58 7.74 33.51
HO1 PEG M . -19.18 7.03 34.84
H21 PEG M . -16.24 5.79 33.64
H22 PEG M . -17.33 4.97 32.82
H31 PEG M . -15.41 4.68 30.98
H32 PEG M . -14.56 5.42 32.10
H41 PEG M . -14.05 7.10 30.70
H42 PEG M . -15.07 6.56 29.62
HO4 PEG M . -12.96 5.99 29.25
C1 PEG N . -32.63 -12.01 -11.48
O1 PEG N . -33.60 -11.30 -10.74
C2 PEG N . -31.72 -11.01 -12.22
O2 PEG N . -30.50 -11.65 -12.54
C3 PEG N . -30.09 -11.52 -13.93
C4 PEG N . -28.71 -11.96 -14.08
O4 PEG N . -27.84 -10.91 -13.79
H11 PEG N . -33.07 -12.59 -12.12
H12 PEG N . -32.08 -12.54 -10.86
HO1 PEG N . -34.23 -11.85 -10.48
H21 PEG N . -31.56 -10.24 -11.65
H22 PEG N . -32.17 -10.72 -13.04
H31 PEG N . -30.16 -10.58 -14.19
H32 PEG N . -30.67 -12.05 -14.48
H41 PEG N . -28.54 -12.69 -13.46
H42 PEG N . -28.57 -12.26 -14.98
HO4 PEG N . -27.21 -11.18 -13.32
C1 PEG O . 4.32 5.10 1.74
O1 PEG O . 5.18 4.03 2.07
C2 PEG O . 4.77 6.38 2.46
O2 PEG O . 5.50 6.03 3.64
C3 PEG O . 6.83 6.59 3.74
C4 PEG O . 7.08 6.98 5.12
O4 PEG O . 6.36 8.14 5.40
H11 PEG O . 3.41 4.87 2.03
H12 PEG O . 4.34 5.25 0.78
HO1 PEG O . 5.00 3.34 1.57
H21 PEG O . 3.99 6.90 2.71
H22 PEG O . 5.34 6.90 1.87
H31 PEG O . 6.91 7.37 3.16
H32 PEG O . 7.49 5.93 3.46
H41 PEG O . 6.81 6.27 5.70
H42 PEG O . 8.02 7.16 5.23
HO4 PEG O . 6.86 8.73 5.71
#